data_1YU4
#
_entry.id   1YU4
#
_cell.length_a   86.684
_cell.length_b   129.438
_cell.length_c   312.649
_cell.angle_alpha   90.00
_cell.angle_beta   90.00
_cell.angle_gamma   90.00
#
_symmetry.space_group_name_H-M   'I 2 2 2'
#
loop_
_entity.id
_entity.type
_entity.pdbx_description
1 polymer 'Major Tropism Determinant (Mtd-U1)'
2 non-polymer 'MAGNESIUM ION'
3 water water
#
_entity_poly.entity_id   1
_entity_poly.type   'polypeptide(L)'
_entity_poly.pdbx_seq_one_letter_code
;MSTAVQFRGGTTAQHATFTGAAREITVDTDKNTVVVHDGATAGGFPLARHDLVKTAFIKADKSAVAFTRTGNATASIKAG
TIVEVNGKLVQFTADTAITMPALTAGTDYAIYVCDDGTVRADSNFSAPTGYTSTTARKVGGFHYAPGSNAAAQAGGNTTA
QINEYSLWDIKFRPAALDPRGMTLVAGAFWADIYLLGVNHLTDGTSKYNVTIADGSASPKKSTKFGGDGSAAYSDGAWYN
FAEVMTHHGKRLPNYNEFQALAFGTTEATSSGGTDVPTTGVNGTGATSAWNIFTSKWGVVQASGCLWTWGNEFGGVNGAS
EYTANTGGRGSVYAQPAAALFGGNWNSTSNSGSRAANWNSGPSNSPANIGARGVCDHLILE
;
_entity_poly.pdbx_strand_id   A,B,C
#
loop_
_chem_comp.id
_chem_comp.type
_chem_comp.name
_chem_comp.formula
MG non-polymer 'MAGNESIUM ION' 'Mg 2'
#
# COMPACT_ATOMS: atom_id res chain seq x y z
N VAL A 5 -1.91 51.35 -9.82
CA VAL A 5 -2.42 50.77 -11.10
C VAL A 5 -3.32 49.57 -10.81
N GLN A 6 -4.50 49.55 -11.41
CA GLN A 6 -5.44 48.45 -11.31
C GLN A 6 -5.69 47.85 -12.70
N PHE A 7 -6.01 46.56 -12.74
CA PHE A 7 -6.15 45.84 -14.00
C PHE A 7 -7.63 45.64 -14.31
N ARG A 8 -7.92 45.38 -15.59
CA ARG A 8 -9.28 45.06 -16.00
C ARG A 8 -9.68 43.75 -15.33
N GLY A 9 -10.84 43.74 -14.69
CA GLY A 9 -11.29 42.57 -13.96
C GLY A 9 -12.79 42.41 -13.84
N GLY A 10 -13.19 41.16 -13.62
CA GLY A 10 -14.58 40.82 -13.38
C GLY A 10 -14.72 39.45 -12.74
N THR A 11 -15.96 39.02 -12.51
CA THR A 11 -16.24 37.72 -11.93
C THR A 11 -15.86 36.59 -12.90
N THR A 12 -15.96 35.35 -12.44
CA THR A 12 -15.71 34.18 -13.28
C THR A 12 -16.77 34.05 -14.38
N ALA A 13 -18.00 34.43 -14.05
CA ALA A 13 -19.12 34.37 -15.00
C ALA A 13 -18.93 35.36 -16.15
N GLN A 14 -18.44 36.56 -15.84
CA GLN A 14 -18.11 37.56 -16.86
C GLN A 14 -16.93 37.12 -17.72
N HIS A 15 -16.00 36.39 -17.11
CA HIS A 15 -14.80 35.88 -17.81
C HIS A 15 -15.13 34.71 -18.76
N ALA A 16 -16.25 34.03 -18.53
CA ALA A 16 -16.58 32.80 -19.26
C ALA A 16 -16.84 33.02 -20.74
N THR A 17 -17.56 34.10 -21.06
CA THR A 17 -17.82 34.47 -22.46
C THR A 17 -16.72 35.37 -23.04
N PHE A 18 -15.91 35.95 -22.16
CA PHE A 18 -14.89 36.91 -22.55
C PHE A 18 -13.71 36.29 -23.31
N THR A 19 -13.63 36.58 -24.60
CA THR A 19 -12.46 36.31 -25.40
C THR A 19 -11.76 37.64 -25.62
N GLY A 20 -10.70 37.89 -24.84
CA GLY A 20 -10.03 39.19 -24.87
C GLY A 20 -9.19 39.39 -26.12
N ALA A 21 -7.99 39.92 -25.94
CA ALA A 21 -7.00 40.02 -27.01
C ALA A 21 -5.79 39.18 -26.63
N ALA A 22 -4.88 39.00 -27.58
CA ALA A 22 -3.65 38.25 -27.33
C ALA A 22 -2.79 39.01 -26.33
N ARG A 23 -2.21 38.27 -25.38
CA ARG A 23 -1.35 38.81 -24.34
C ARG A 23 -2.05 39.76 -23.36
N GLU A 24 -3.37 39.71 -23.29
CA GLU A 24 -4.11 40.49 -22.29
C GLU A 24 -4.07 39.76 -20.95
N ILE A 25 -3.80 40.50 -19.88
CA ILE A 25 -3.83 39.98 -18.53
C ILE A 25 -4.98 40.65 -17.78
N THR A 26 -5.91 39.84 -17.27
CA THR A 26 -7.02 40.33 -16.45
C THR A 26 -6.99 39.70 -15.07
N VAL A 27 -7.85 40.18 -14.18
CA VAL A 27 -7.94 39.65 -12.83
C VAL A 27 -9.34 39.13 -12.58
N ASP A 28 -9.44 37.83 -12.29
CA ASP A 28 -10.66 37.24 -11.77
C ASP A 28 -10.81 37.67 -10.32
N THR A 29 -11.89 38.40 -10.02
CA THR A 29 -12.09 38.99 -8.69
C THR A 29 -12.73 38.02 -7.68
N ASP A 30 -13.31 36.92 -8.18
CA ASP A 30 -13.79 35.84 -7.33
C ASP A 30 -12.64 34.94 -6.87
N LYS A 31 -11.78 34.55 -7.82
CA LYS A 31 -10.66 33.65 -7.55
C LYS A 31 -9.43 34.39 -7.00
N ASN A 32 -9.40 35.71 -7.16
CA ASN A 32 -8.21 36.52 -6.88
C ASN A 32 -6.96 35.95 -7.55
N THR A 33 -7.06 35.73 -8.86
CA THR A 33 -5.93 35.30 -9.65
C THR A 33 -5.88 36.03 -10.99
N VAL A 34 -4.77 35.85 -11.70
CA VAL A 34 -4.60 36.42 -13.03
C VAL A 34 -5.13 35.43 -14.08
N VAL A 35 -5.75 35.96 -15.13
CA VAL A 35 -6.19 35.16 -16.26
C VAL A 35 -5.52 35.69 -17.53
N VAL A 36 -4.69 34.86 -18.15
CA VAL A 36 -4.05 35.21 -19.41
C VAL A 36 -5.03 34.93 -20.56
N HIS A 37 -5.02 35.79 -21.58
CA HIS A 37 -5.89 35.64 -22.75
C HIS A 37 -5.06 35.51 -24.02
N ASP A 38 -5.63 34.83 -25.02
CA ASP A 38 -4.97 34.63 -26.31
C ASP A 38 -5.77 35.20 -27.48
N GLY A 39 -6.87 35.88 -27.18
CA GLY A 39 -7.72 36.48 -28.19
C GLY A 39 -8.51 35.49 -29.03
N ALA A 40 -8.80 34.31 -28.47
CA ALA A 40 -9.51 33.26 -29.19
C ALA A 40 -10.30 32.33 -28.26
N THR A 41 -9.64 31.82 -27.23
CA THR A 41 -10.25 30.92 -26.26
C THR A 41 -11.09 31.69 -25.25
N ALA A 42 -12.39 31.40 -25.21
CA ALA A 42 -13.29 31.99 -24.23
C ALA A 42 -12.98 31.45 -22.85
N GLY A 43 -13.01 32.31 -21.84
CA GLY A 43 -12.64 31.94 -20.48
C GLY A 43 -11.19 32.24 -20.17
N GLY A 44 -10.34 32.16 -21.18
CA GLY A 44 -8.93 32.44 -21.02
C GLY A 44 -8.19 31.29 -20.37
N PHE A 45 -7.15 31.62 -19.60
CA PHE A 45 -6.29 30.64 -18.95
C PHE A 45 -5.94 31.15 -17.56
N PRO A 46 -6.79 30.84 -16.58
CA PRO A 46 -6.54 31.24 -15.19
C PRO A 46 -5.24 30.64 -14.66
N LEU A 47 -4.54 31.38 -13.82
CA LEU A 47 -3.29 30.92 -13.24
C LEU A 47 -3.57 30.40 -11.83
N ALA A 48 -2.66 29.58 -11.33
CA ALA A 48 -2.83 28.88 -10.06
C ALA A 48 -2.37 29.76 -8.90
N ARG A 49 -3.16 29.77 -7.83
CA ARG A 49 -2.76 30.43 -6.60
C ARG A 49 -1.79 29.55 -5.82
N HIS A 50 -0.97 30.16 -4.96
CA HIS A 50 0.05 29.42 -4.22
C HIS A 50 -0.54 28.48 -3.18
N ASP A 51 -1.73 28.81 -2.68
CA ASP A 51 -2.39 27.98 -1.68
C ASP A 51 -2.51 26.52 -2.10
N LEU A 52 -2.73 26.28 -3.39
CA LEU A 52 -2.93 24.93 -3.92
C LEU A 52 -1.67 24.08 -4.00
N VAL A 53 -0.51 24.72 -3.98
CA VAL A 53 0.77 24.01 -4.05
C VAL A 53 1.64 24.23 -2.81
N LYS A 54 1.03 24.64 -1.71
CA LYS A 54 1.72 24.58 -0.43
C LYS A 54 1.78 23.09 -0.06
N THR A 55 2.76 22.74 0.77
CA THR A 55 3.16 21.34 1.01
C THR A 55 3.79 20.66 -0.21
N ALA A 56 4.20 21.42 -1.22
CA ALA A 56 4.88 20.83 -2.37
C ALA A 56 6.25 20.29 -1.93
N PHE A 57 6.54 19.06 -2.32
CA PHE A 57 7.80 18.40 -1.99
C PHE A 57 8.14 17.47 -3.16
N ILE A 58 9.07 17.89 -4.01
CA ILE A 58 9.39 17.17 -5.24
C ILE A 58 10.81 16.63 -5.20
N LYS A 59 10.96 15.38 -5.61
CA LYS A 59 12.27 14.72 -5.68
C LYS A 59 12.56 14.33 -7.12
N ALA A 60 13.82 14.40 -7.53
CA ALA A 60 14.24 13.94 -8.85
C ALA A 60 13.93 12.46 -9.03
N ASP A 61 14.22 11.67 -8.00
CA ASP A 61 13.99 10.23 -7.98
C ASP A 61 12.95 9.94 -6.88
N LYS A 62 11.71 9.73 -7.30
CA LYS A 62 10.59 9.50 -6.37
C LYS A 62 10.62 8.10 -5.75
N SER A 63 11.36 7.19 -6.38
CA SER A 63 11.43 5.81 -5.90
C SER A 63 12.64 5.58 -4.98
N ALA A 64 13.28 6.67 -4.53
CA ALA A 64 14.37 6.60 -3.56
C ALA A 64 14.25 7.70 -2.52
N VAL A 65 14.92 7.53 -1.38
CA VAL A 65 14.88 8.51 -0.30
C VAL A 65 15.59 9.81 -0.73
N ALA A 66 15.20 10.91 -0.11
CA ALA A 66 15.66 12.24 -0.48
C ALA A 66 17.08 12.57 0.00
N PHE A 67 17.67 11.70 0.83
CA PHE A 67 18.97 11.98 1.44
C PHE A 67 19.99 10.88 1.20
N THR A 68 21.25 11.22 1.41
CA THR A 68 22.37 10.30 1.21
C THR A 68 23.29 10.38 2.43
N ARG A 69 23.60 9.22 3.03
CA ARG A 69 24.63 9.15 4.06
C ARG A 69 26.00 9.30 3.40
N THR A 70 26.76 10.28 3.86
CA THR A 70 28.11 10.55 3.34
C THR A 70 29.23 10.12 4.29
N GLY A 71 28.85 9.73 5.51
CA GLY A 71 29.79 9.22 6.49
C GLY A 71 29.08 8.84 7.78
N ASN A 72 29.85 8.34 8.75
CA ASN A 72 29.29 7.92 10.04
C ASN A 72 28.39 8.97 10.68
N ALA A 73 28.75 10.25 10.54
CA ALA A 73 28.02 11.32 11.20
C ALA A 73 27.55 12.44 10.28
N THR A 74 27.62 12.22 8.97
CA THR A 74 27.23 13.24 7.99
C THR A 74 26.27 12.71 6.93
N ALA A 75 25.46 13.61 6.38
CA ALA A 75 24.49 13.28 5.32
C ALA A 75 24.15 14.51 4.49
N SER A 76 23.68 14.27 3.27
CA SER A 76 23.28 15.35 2.36
C SER A 76 21.86 15.15 1.84
N ILE A 77 21.18 16.25 1.56
CA ILE A 77 19.93 16.21 0.79
C ILE A 77 20.30 16.18 -0.69
N LYS A 78 19.49 15.49 -1.49
CA LYS A 78 19.85 15.22 -2.88
C LYS A 78 19.53 16.39 -3.80
N ALA A 79 20.33 16.52 -4.84
CA ALA A 79 20.13 17.51 -5.90
C ALA A 79 18.78 17.30 -6.54
N GLY A 80 18.15 18.39 -6.97
CA GLY A 80 16.84 18.34 -7.58
C GLY A 80 15.67 18.22 -6.61
N THR A 81 15.90 18.49 -5.33
CA THR A 81 14.84 18.45 -4.34
C THR A 81 14.27 19.84 -4.13
N ILE A 82 12.97 20.00 -4.39
CA ILE A 82 12.27 21.26 -4.20
C ILE A 82 11.32 21.10 -3.02
N VAL A 83 11.30 22.09 -2.13
CA VAL A 83 10.58 22.00 -0.86
C VAL A 83 9.92 23.34 -0.53
N GLU A 84 8.59 23.37 -0.52
CA GLU A 84 7.84 24.55 -0.07
C GLU A 84 7.86 24.61 1.46
N VAL A 85 8.28 25.75 2.01
CA VAL A 85 8.31 25.95 3.46
C VAL A 85 7.98 27.40 3.81
N ASN A 86 6.78 27.60 4.37
CA ASN A 86 6.30 28.90 4.82
C ASN A 86 6.31 29.95 3.71
N GLY A 87 5.68 29.62 2.59
CA GLY A 87 5.63 30.52 1.45
C GLY A 87 6.79 30.44 0.47
N LYS A 88 7.95 30.00 0.95
CA LYS A 88 9.19 30.06 0.18
C LYS A 88 9.47 28.77 -0.61
N LEU A 89 9.95 28.94 -1.84
CA LEU A 89 10.43 27.83 -2.65
C LEU A 89 11.91 27.60 -2.34
N VAL A 90 12.20 26.56 -1.58
CA VAL A 90 13.57 26.21 -1.24
C VAL A 90 13.98 25.02 -2.07
N GLN A 91 14.98 25.20 -2.94
CA GLN A 91 15.46 24.09 -3.74
C GLN A 91 16.97 23.92 -3.63
N PHE A 92 17.41 22.69 -3.90
CA PHE A 92 18.80 22.31 -3.81
C PHE A 92 19.18 21.76 -5.17
N THR A 93 19.95 22.54 -5.92
CA THR A 93 20.33 22.17 -7.29
C THR A 93 21.49 21.18 -7.26
N ALA A 94 22.26 21.20 -6.17
CA ALA A 94 23.29 20.20 -5.93
C ALA A 94 23.09 19.54 -4.56
N ASP A 95 23.73 18.38 -4.37
CA ASP A 95 23.77 17.72 -3.06
C ASP A 95 24.29 18.71 -2.01
N THR A 96 23.52 18.91 -0.94
CA THR A 96 23.82 19.91 0.09
C THR A 96 23.89 19.27 1.47
N ALA A 97 24.97 19.58 2.20
CA ALA A 97 25.18 19.03 3.53
C ALA A 97 24.05 19.39 4.50
N ILE A 98 23.68 18.43 5.33
CA ILE A 98 22.69 18.65 6.39
C ILE A 98 23.48 19.01 7.64
N THR A 99 23.10 20.13 8.26
CA THR A 99 23.71 20.57 9.50
C THR A 99 23.28 19.66 10.64
N MET A 100 24.25 19.03 11.29
CA MET A 100 23.99 18.04 12.33
C MET A 100 24.19 18.60 13.73
N PRO A 101 23.37 18.15 14.68
CA PRO A 101 23.61 18.44 16.09
C PRO A 101 24.57 17.39 16.64
N ALA A 102 24.84 17.43 17.94
CA ALA A 102 25.56 16.35 18.59
C ALA A 102 24.73 15.08 18.42
N LEU A 103 25.35 14.01 17.96
CA LEU A 103 24.64 12.76 17.70
C LEU A 103 24.91 11.76 18.81
N THR A 104 23.84 11.19 19.35
CA THR A 104 23.91 10.28 20.49
C THR A 104 23.45 8.89 20.03
N ALA A 105 24.25 7.88 20.36
CA ALA A 105 23.99 6.50 19.97
C ALA A 105 22.58 6.04 20.33
N GLY A 106 21.94 5.37 19.38
CA GLY A 106 20.59 4.86 19.57
C GLY A 106 19.50 5.91 19.61
N THR A 107 19.66 7.00 18.85
CA THR A 107 18.70 8.09 18.82
C THR A 107 18.18 8.35 17.40
N ASP A 108 16.90 8.69 17.31
CA ASP A 108 16.30 9.08 16.05
C ASP A 108 16.37 10.60 15.89
N TYR A 109 16.63 11.03 14.67
CA TYR A 109 16.70 12.44 14.32
C TYR A 109 15.72 12.78 13.20
N ALA A 110 15.21 14.01 13.22
CA ALA A 110 14.35 14.53 12.18
C ALA A 110 15.15 15.51 11.31
N ILE A 111 14.90 15.50 10.01
CA ILE A 111 15.55 16.42 9.08
C ILE A 111 14.54 17.49 8.69
N TYR A 112 14.99 18.73 8.71
CA TYR A 112 14.16 19.90 8.42
C TYR A 112 14.74 20.69 7.28
N VAL A 113 13.89 21.17 6.39
CA VAL A 113 14.26 22.19 5.41
C VAL A 113 13.64 23.49 5.91
N CYS A 114 14.47 24.49 6.16
CA CYS A 114 14.02 25.75 6.76
C CYS A 114 13.83 26.82 5.70
N ASP A 115 13.08 27.86 6.03
CA ASP A 115 12.75 28.92 5.06
C ASP A 115 13.94 29.81 4.69
N ASP A 116 15.02 29.75 5.47
CA ASP A 116 16.26 30.45 5.13
C ASP A 116 17.15 29.66 4.16
N GLY A 117 16.65 28.53 3.66
CA GLY A 117 17.34 27.75 2.66
C GLY A 117 18.23 26.64 3.18
N THR A 118 18.42 26.58 4.50
CA THR A 118 19.27 25.56 5.12
C THR A 118 18.52 24.27 5.37
N VAL A 119 19.28 23.20 5.58
CA VAL A 119 18.70 21.91 5.96
C VAL A 119 19.48 21.39 7.17
N ARG A 120 18.76 20.91 8.18
CA ARG A 120 19.37 20.55 9.45
C ARG A 120 18.63 19.41 10.16
N ALA A 121 19.36 18.65 10.98
CA ALA A 121 18.78 17.58 11.78
C ALA A 121 18.64 18.01 13.24
N ASP A 122 17.72 17.37 13.95
CA ASP A 122 17.49 17.62 15.37
C ASP A 122 16.78 16.44 16.03
N SER A 123 17.13 16.17 17.29
CA SER A 123 16.48 15.12 18.05
C SER A 123 15.01 15.45 18.39
N ASN A 124 14.65 16.73 18.25
CA ASN A 124 13.28 17.19 18.44
C ASN A 124 12.47 17.04 17.14
N PHE A 125 11.28 16.46 17.25
CA PHE A 125 10.46 16.10 16.09
C PHE A 125 9.30 17.08 15.84
N SER A 126 9.32 18.21 16.54
CA SER A 126 8.42 19.32 16.27
C SER A 126 9.14 20.41 15.50
N ALA A 127 10.34 20.77 15.98
CA ALA A 127 11.13 21.85 15.37
C ALA A 127 12.60 21.75 15.77
N PRO A 128 13.49 22.15 14.88
CA PRO A 128 14.93 22.17 15.21
C PRO A 128 15.22 23.35 16.12
N THR A 129 16.36 23.32 16.81
CA THR A 129 16.71 24.39 17.72
C THR A 129 16.99 25.69 16.94
N GLY A 130 16.36 26.78 17.38
CA GLY A 130 16.49 28.07 16.73
C GLY A 130 15.39 28.37 15.72
N TYR A 131 14.45 27.45 15.57
CA TYR A 131 13.34 27.58 14.62
C TYR A 131 12.03 27.13 15.24
N THR A 132 10.94 27.31 14.50
CA THR A 132 9.63 26.81 14.90
C THR A 132 9.12 25.82 13.84
N SER A 133 7.95 25.24 14.09
CA SER A 133 7.33 24.31 13.15
C SER A 133 6.87 25.01 11.86
N THR A 134 6.76 26.34 11.91
CA THR A 134 6.40 27.16 10.75
C THR A 134 7.59 27.49 9.85
N THR A 135 8.71 27.90 10.45
CA THR A 135 9.91 28.28 9.69
C THR A 135 10.81 27.08 9.40
N ALA A 136 10.42 25.90 9.88
CA ALA A 136 11.17 24.67 9.66
C ALA A 136 10.20 23.54 9.35
N ARG A 137 10.39 22.90 8.20
CA ARG A 137 9.49 21.85 7.74
C ARG A 137 10.16 20.49 7.85
N LYS A 138 9.58 19.63 8.68
CA LYS A 138 10.04 18.26 8.83
C LYS A 138 9.78 17.52 7.51
N VAL A 139 10.85 17.06 6.87
CA VAL A 139 10.74 16.32 5.62
C VAL A 139 11.28 14.89 5.72
N GLY A 140 11.85 14.53 6.85
CA GLY A 140 12.35 13.18 7.01
C GLY A 140 13.10 12.93 8.29
N GLY A 141 14.03 11.97 8.24
CA GLY A 141 14.79 11.57 9.42
C GLY A 141 15.64 10.34 9.20
N PHE A 142 16.34 9.96 10.27
CA PHE A 142 17.20 8.78 10.29
C PHE A 142 17.42 8.30 11.73
N HIS A 143 17.98 7.10 11.84
CA HIS A 143 18.40 6.56 13.11
C HIS A 143 19.91 6.59 13.19
N TYR A 144 20.43 7.18 14.25
CA TYR A 144 21.85 7.13 14.55
C TYR A 144 22.04 5.93 15.47
N ALA A 145 22.53 4.84 14.90
CA ALA A 145 22.60 3.53 15.55
C ALA A 145 23.81 3.41 16.48
N PRO A 146 23.75 2.49 17.43
CA PRO A 146 24.89 2.25 18.34
C PRO A 146 26.02 1.44 17.71
N GLY A 147 25.81 0.93 16.49
CA GLY A 147 26.86 0.21 15.79
C GLY A 147 26.62 0.14 14.30
N SER A 148 27.59 -0.38 13.57
CA SER A 148 27.48 -0.47 12.13
C SER A 148 26.49 -1.56 11.69
N ASN A 149 25.96 -1.38 10.49
CA ASN A 149 25.27 -2.44 9.80
C ASN A 149 26.29 -3.52 9.44
N ALA A 150 25.81 -4.75 9.25
CA ALA A 150 26.69 -5.85 8.88
C ALA A 150 27.16 -5.71 7.44
N ALA A 151 28.47 -5.76 7.27
CA ALA A 151 29.12 -5.65 5.96
C ALA A 151 29.08 -6.99 5.23
N ALA A 152 28.94 -8.08 5.99
CA ALA A 152 28.88 -9.42 5.45
C ALA A 152 27.87 -10.22 6.28
N GLN A 153 28.25 -11.39 6.80
CA GLN A 153 27.36 -12.22 7.61
C GLN A 153 27.99 -12.56 8.97
N ALA A 154 28.52 -11.53 9.62
CA ALA A 154 29.15 -11.66 10.94
C ALA A 154 28.78 -10.48 11.85
N GLY A 155 27.60 -9.91 11.63
CA GLY A 155 27.16 -8.78 12.43
C GLY A 155 27.93 -7.51 12.14
N GLY A 156 27.80 -6.54 13.04
CA GLY A 156 28.47 -5.26 12.91
C GLY A 156 29.37 -4.97 14.10
N ASN A 157 29.76 -3.71 14.23
CA ASN A 157 30.66 -3.27 15.28
C ASN A 157 29.91 -2.41 16.30
N THR A 158 30.62 -1.71 17.18
CA THR A 158 30.02 -0.83 18.18
C THR A 158 30.40 0.64 18.00
N THR A 159 30.63 1.05 16.77
CA THR A 159 30.89 2.43 16.42
C THR A 159 29.59 3.07 15.98
N ALA A 160 29.11 4.02 16.79
CA ALA A 160 27.85 4.68 16.51
C ALA A 160 27.93 5.43 15.19
N GLN A 161 26.85 5.33 14.40
CA GLN A 161 26.83 5.91 13.06
C GLN A 161 25.42 5.90 12.48
N ILE A 162 25.20 6.77 11.51
CA ILE A 162 23.93 6.84 10.81
C ILE A 162 23.71 5.51 10.09
N ASN A 163 22.51 4.96 10.21
CA ASN A 163 22.11 3.79 9.48
C ASN A 163 21.50 4.27 8.17
N GLU A 164 22.20 4.05 7.06
CA GLU A 164 21.77 4.53 5.74
C GLU A 164 20.37 4.05 5.35
N TYR A 165 20.03 2.83 5.78
CA TYR A 165 18.76 2.22 5.45
C TYR A 165 17.62 2.74 6.31
N SER A 166 17.93 3.46 7.39
CA SER A 166 16.93 4.08 8.25
C SER A 166 16.47 5.46 7.76
N LEU A 167 17.14 5.99 6.74
CA LEU A 167 16.72 7.25 6.13
C LEU A 167 15.34 7.13 5.52
N TRP A 168 14.44 8.01 5.96
CA TRP A 168 13.10 8.11 5.41
C TRP A 168 12.80 9.58 5.10
N ASP A 169 11.89 9.82 4.16
CA ASP A 169 11.32 11.14 3.98
C ASP A 169 9.80 11.04 3.90
N ILE A 170 9.13 12.18 3.87
CA ILE A 170 7.67 12.22 3.93
C ILE A 170 6.95 11.56 2.74
N LYS A 171 7.71 11.18 1.72
CA LYS A 171 7.18 10.44 0.56
C LYS A 171 7.91 9.10 0.28
N PHE A 172 8.72 8.64 1.24
CA PHE A 172 9.50 7.41 1.13
C PHE A 172 9.74 6.95 2.56
N ARG A 173 8.89 6.05 3.05
CA ARG A 173 8.80 5.83 4.48
C ARG A 173 7.99 4.61 4.87
N PRO A 174 8.15 4.17 6.12
CA PRO A 174 7.23 3.19 6.71
C PRO A 174 5.79 3.63 6.58
N ALA A 175 4.89 2.70 6.24
CA ALA A 175 3.46 3.00 6.20
C ALA A 175 2.92 3.27 7.60
N ALA A 176 3.59 2.74 8.62
CA ALA A 176 3.22 2.98 10.01
C ALA A 176 3.31 4.47 10.34
N LEU A 177 2.39 4.95 11.16
CA LEU A 177 2.26 6.39 11.45
C LEU A 177 3.56 6.98 11.93
N ASP A 178 4.22 6.28 12.85
CA ASP A 178 5.49 6.68 13.39
C ASP A 178 6.59 5.93 12.63
N PRO A 179 7.40 6.65 11.85
CA PRO A 179 8.45 6.02 11.06
C PRO A 179 9.74 5.78 11.84
N ARG A 180 9.82 6.24 13.09
CA ARG A 180 11.08 6.24 13.83
C ARG A 180 11.52 4.84 14.24
N GLY A 181 12.83 4.64 14.21
CA GLY A 181 13.44 3.41 14.69
C GLY A 181 13.24 2.23 13.76
N MET A 182 12.97 2.51 12.49
CA MET A 182 12.81 1.48 11.47
C MET A 182 13.86 1.58 10.38
N THR A 183 14.09 0.46 9.71
CA THR A 183 15.05 0.39 8.62
C THR A 183 14.43 -0.32 7.41
N LEU A 184 14.82 0.13 6.22
CA LEU A 184 14.28 -0.42 4.98
C LEU A 184 15.09 -1.66 4.59
N VAL A 185 14.40 -2.80 4.56
CA VAL A 185 15.00 -4.09 4.25
C VAL A 185 14.93 -4.37 2.74
N ALA A 186 16.09 -4.32 2.09
CA ALA A 186 16.23 -4.69 0.68
C ALA A 186 15.30 -3.90 -0.25
N GLY A 187 14.94 -2.68 0.16
CA GLY A 187 14.02 -1.83 -0.56
C GLY A 187 12.57 -2.28 -0.55
N ALA A 188 12.26 -3.35 0.17
CA ALA A 188 10.99 -4.07 0.01
C ALA A 188 9.96 -3.75 1.08
N PHE A 189 10.42 -3.58 2.32
CA PHE A 189 9.56 -3.33 3.47
C PHE A 189 10.43 -2.86 4.63
N TRP A 190 9.80 -2.29 5.66
CA TRP A 190 10.51 -1.76 6.82
C TRP A 190 10.42 -2.69 8.03
N ALA A 191 11.48 -2.72 8.82
CA ALA A 191 11.53 -3.51 10.03
C ALA A 191 11.98 -2.64 11.20
N ASP A 192 11.44 -2.92 12.38
CA ASP A 192 11.91 -2.30 13.61
C ASP A 192 13.35 -2.69 13.86
N ILE A 193 14.19 -1.69 14.04
CA ILE A 193 15.59 -1.91 14.39
C ILE A 193 15.70 -2.67 15.72
N TYR A 194 14.82 -2.36 16.67
CA TYR A 194 14.85 -2.99 18.00
C TYR A 194 13.63 -3.86 18.30
N LEU A 195 13.85 -4.90 19.10
CA LEU A 195 12.77 -5.72 19.63
C LEU A 195 11.82 -4.85 20.43
N LEU A 196 10.55 -5.24 20.44
CA LEU A 196 9.51 -4.51 21.13
C LEU A 196 9.86 -4.34 22.60
N GLY A 197 9.71 -3.12 23.09
CA GLY A 197 9.91 -2.83 24.50
C GLY A 197 8.60 -2.85 25.26
N VAL A 198 8.71 -3.05 26.58
CA VAL A 198 7.55 -3.04 27.46
C VAL A 198 6.79 -1.72 27.32
N ASN A 199 7.52 -0.61 27.35
CA ASN A 199 6.93 0.72 27.42
C ASN A 199 6.75 1.35 26.05
N HIS A 200 6.07 0.61 25.18
CA HIS A 200 5.99 0.96 23.76
C HIS A 200 5.02 2.10 23.46
N LEU A 201 4.13 2.41 24.39
CA LEU A 201 3.18 3.49 24.16
C LEU A 201 3.93 4.82 24.14
N THR A 202 4.81 5.01 25.12
CA THR A 202 5.60 6.23 25.22
C THR A 202 6.83 6.21 24.30
N ASP A 203 7.41 5.03 24.09
CA ASP A 203 8.69 4.88 23.39
C ASP A 203 8.55 4.53 21.90
N GLY A 204 7.34 4.20 21.46
CA GLY A 204 7.15 3.48 20.22
C GLY A 204 7.67 2.05 20.34
N THR A 205 7.47 1.23 19.31
CA THR A 205 7.85 -0.19 19.40
C THR A 205 9.35 -0.43 19.33
N SER A 206 10.10 0.52 18.78
CA SER A 206 11.51 0.29 18.47
C SER A 206 12.37 1.38 19.08
N LYS A 207 13.01 1.05 20.19
CA LYS A 207 13.84 2.00 20.93
C LYS A 207 15.06 1.32 21.55
N TYR A 208 16.18 2.04 21.52
CA TYR A 208 17.46 1.59 22.05
C TYR A 208 17.47 1.64 23.57
N ASN A 209 18.13 0.66 24.17
CA ASN A 209 18.42 0.62 25.61
C ASN A 209 17.17 0.68 26.48
N VAL A 210 16.16 -0.10 26.10
CA VAL A 210 14.96 -0.25 26.91
C VAL A 210 14.71 -1.70 27.26
N THR A 211 13.86 -1.91 28.24
CA THR A 211 13.50 -3.25 28.68
C THR A 211 12.63 -3.94 27.63
N ILE A 212 13.03 -5.15 27.27
CA ILE A 212 12.36 -5.93 26.22
C ILE A 212 11.10 -6.59 26.75
N ALA A 213 10.04 -6.50 25.95
CA ALA A 213 8.78 -7.15 26.24
C ALA A 213 8.87 -8.62 25.87
N ASP A 214 8.42 -9.48 26.77
CA ASP A 214 8.32 -10.91 26.50
C ASP A 214 7.25 -11.58 27.38
N GLY A 215 7.21 -12.90 27.37
CA GLY A 215 6.21 -13.64 28.13
C GLY A 215 6.21 -13.45 29.65
N SER A 216 7.34 -13.01 30.21
CA SER A 216 7.45 -12.69 31.64
C SER A 216 7.64 -11.20 31.92
N ALA A 217 7.52 -10.38 30.88
CA ALA A 217 7.55 -8.93 30.97
C ALA A 217 6.61 -8.42 29.89
N SER A 218 5.32 -8.54 30.14
CA SER A 218 4.32 -8.31 29.11
C SER A 218 4.31 -6.83 28.71
N PRO A 219 4.00 -6.56 27.46
CA PRO A 219 3.94 -5.17 26.98
C PRO A 219 2.79 -4.39 27.61
N LYS A 220 2.90 -3.06 27.60
CA LYS A 220 1.80 -2.21 28.02
C LYS A 220 0.56 -2.51 27.18
N LYS A 221 -0.59 -2.52 27.84
CA LYS A 221 -1.86 -2.80 27.18
C LYS A 221 -2.19 -1.66 26.22
N SER A 222 -2.42 -2.01 24.97
CA SER A 222 -2.80 -1.07 23.93
C SER A 222 -4.00 -0.24 24.37
N THR A 223 -3.91 1.08 24.22
CA THR A 223 -5.00 1.99 24.54
C THR A 223 -6.11 1.98 23.47
N LYS A 224 -5.84 1.36 22.33
CA LYS A 224 -6.86 1.16 21.29
C LYS A 224 -7.68 -0.11 21.54
N PHE A 225 -7.21 -0.97 22.44
CA PHE A 225 -7.92 -2.21 22.78
C PHE A 225 -8.14 -2.35 24.29
N GLY A 226 -8.65 -1.28 24.91
CA GLY A 226 -9.12 -1.33 26.28
C GLY A 226 -8.12 -0.97 27.37
N GLY A 227 -6.91 -0.58 26.97
CA GLY A 227 -5.87 -0.21 27.92
C GLY A 227 -6.02 1.21 28.41
N ASP A 228 -5.49 1.49 29.60
CA ASP A 228 -5.53 2.83 30.19
C ASP A 228 -4.17 3.56 30.16
N GLY A 229 -3.15 2.92 29.61
CA GLY A 229 -1.82 3.51 29.51
C GLY A 229 -0.83 3.10 30.59
N SER A 230 -1.33 2.59 31.71
CA SER A 230 -0.50 2.14 32.82
C SER A 230 -0.36 0.61 32.91
N ALA A 231 -1.48 -0.08 32.71
CA ALA A 231 -1.53 -1.53 32.90
C ALA A 231 -0.89 -2.25 31.72
N ALA A 232 -0.25 -3.37 32.02
CA ALA A 232 0.29 -4.29 31.01
C ALA A 232 -0.73 -5.40 30.78
N TYR A 233 -0.59 -6.13 29.67
CA TYR A 233 -1.37 -7.34 29.44
C TYR A 233 -1.09 -8.32 30.57
N SER A 234 -2.06 -9.17 30.87
CA SER A 234 -1.88 -10.15 31.94
C SER A 234 -0.77 -11.14 31.59
N ASP A 235 -0.59 -11.41 30.30
CA ASP A 235 0.60 -12.15 29.85
C ASP A 235 1.06 -11.76 28.44
N GLY A 236 2.10 -12.43 27.95
CA GLY A 236 2.70 -12.13 26.66
C GLY A 236 2.38 -13.15 25.58
N ALA A 237 1.11 -13.52 25.45
CA ALA A 237 0.69 -14.41 24.38
C ALA A 237 0.91 -13.75 23.02
N TRP A 238 1.05 -14.57 21.98
CA TRP A 238 1.06 -14.11 20.59
C TRP A 238 -0.02 -13.04 20.37
N TYR A 239 -1.21 -13.33 20.85
CA TYR A 239 -2.37 -12.45 20.69
C TYR A 239 -2.05 -11.01 21.10
N ASN A 240 -1.38 -10.86 22.24
CA ASN A 240 -1.08 -9.55 22.78
C ASN A 240 0.02 -8.83 22.00
N PHE A 241 1.06 -9.55 21.62
CA PHE A 241 2.10 -8.98 20.77
C PHE A 241 1.54 -8.54 19.40
N ALA A 242 0.68 -9.36 18.81
CA ALA A 242 0.08 -9.03 17.52
C ALA A 242 -0.78 -7.77 17.64
N GLU A 243 -1.49 -7.66 18.75
CA GLU A 243 -2.34 -6.51 19.01
C GLU A 243 -1.53 -5.23 19.15
N VAL A 244 -0.41 -5.31 19.86
CA VAL A 244 0.47 -4.17 20.05
C VAL A 244 0.97 -3.68 18.69
N MET A 245 1.33 -4.61 17.81
CA MET A 245 1.80 -4.21 16.48
C MET A 245 0.68 -3.52 15.71
N THR A 246 -0.53 -4.05 15.79
CA THR A 246 -1.67 -3.45 15.10
C THR A 246 -1.90 -2.00 15.57
N HIS A 247 -1.84 -1.79 16.88
CA HIS A 247 -1.91 -0.45 17.50
C HIS A 247 -0.99 0.54 16.79
N HIS A 248 0.24 0.13 16.54
CA HIS A 248 1.26 0.99 15.95
C HIS A 248 1.35 0.95 14.42
N GLY A 249 0.36 0.32 13.77
CA GLY A 249 0.30 0.26 12.32
C GLY A 249 1.32 -0.69 11.73
N LYS A 250 1.63 -1.74 12.48
CA LYS A 250 2.64 -2.72 12.12
C LYS A 250 2.09 -4.13 12.22
N ARG A 251 2.94 -5.10 11.93
CA ARG A 251 2.59 -6.49 12.13
C ARG A 251 3.83 -7.28 12.48
N LEU A 252 3.63 -8.51 12.90
CA LEU A 252 4.72 -9.44 13.13
C LEU A 252 5.19 -9.91 11.76
N PRO A 253 6.45 -10.31 11.66
CA PRO A 253 6.99 -10.74 10.37
C PRO A 253 6.51 -12.12 9.97
N ASN A 254 6.43 -12.35 8.66
CA ASN A 254 6.31 -13.69 8.13
C ASN A 254 7.72 -14.20 7.87
N TYR A 255 7.80 -15.45 7.41
CA TYR A 255 9.08 -16.11 7.20
C TYR A 255 9.89 -15.40 6.12
N ASN A 256 9.23 -14.98 5.04
CA ASN A 256 9.91 -14.28 3.96
C ASN A 256 10.54 -12.97 4.44
N GLU A 257 9.81 -12.24 5.29
CA GLU A 257 10.31 -10.99 5.83
C GLU A 257 11.39 -11.26 6.85
N PHE A 258 11.23 -12.30 7.67
CA PHE A 258 12.20 -12.51 8.72
C PHE A 258 13.58 -12.82 8.15
N GLN A 259 13.66 -13.73 7.19
CA GLN A 259 14.94 -14.10 6.62
C GLN A 259 15.62 -12.92 5.94
N ALA A 260 14.83 -12.02 5.37
CA ALA A 260 15.36 -10.84 4.73
C ALA A 260 15.90 -9.84 5.77
N LEU A 261 15.10 -9.52 6.78
CA LEU A 261 15.48 -8.49 7.76
C LEU A 261 16.67 -8.92 8.64
N ALA A 262 16.83 -10.22 8.83
CA ALA A 262 17.89 -10.75 9.70
C ALA A 262 19.17 -11.10 8.96
N PHE A 263 19.13 -11.12 7.62
CA PHE A 263 20.33 -11.42 6.84
C PHE A 263 21.46 -10.48 7.23
N GLY A 264 22.66 -11.02 7.38
CA GLY A 264 23.82 -10.28 7.85
C GLY A 264 24.22 -10.63 9.27
N THR A 265 23.28 -11.15 10.04
CA THR A 265 23.56 -11.61 11.39
C THR A 265 24.57 -12.77 11.37
N THR A 266 25.19 -13.03 12.52
CA THR A 266 26.04 -14.20 12.66
C THR A 266 25.16 -15.44 12.82
N GLU A 267 25.18 -16.29 11.80
CA GLU A 267 24.29 -17.44 11.73
C GLU A 267 24.72 -18.55 12.68
N ALA A 268 23.75 -19.37 13.08
CA ALA A 268 24.00 -20.58 13.87
C ALA A 268 24.75 -20.28 15.16
N THR A 269 24.40 -19.13 15.73
CA THR A 269 25.05 -18.60 16.93
C THR A 269 24.02 -17.88 17.77
N SER A 270 24.14 -18.05 19.09
CA SER A 270 23.23 -17.46 20.04
C SER A 270 24.01 -16.61 21.04
N SER A 271 23.31 -15.69 21.69
CA SER A 271 23.89 -14.75 22.63
C SER A 271 24.53 -15.46 23.84
N GLY A 272 24.01 -16.62 24.20
CA GLY A 272 24.48 -17.34 25.39
C GLY A 272 23.99 -16.70 26.68
N GLY A 273 24.54 -17.15 27.80
CA GLY A 273 24.14 -16.65 29.11
C GLY A 273 22.73 -17.07 29.51
N THR A 274 22.05 -16.17 30.22
CA THR A 274 20.80 -16.48 30.91
C THR A 274 19.63 -15.59 30.54
N ASP A 275 19.87 -14.51 29.78
CA ASP A 275 18.81 -13.57 29.43
C ASP A 275 19.29 -12.51 28.42
N VAL A 276 18.32 -11.89 27.75
CA VAL A 276 18.56 -10.66 27.00
C VAL A 276 17.49 -9.67 27.44
N PRO A 277 17.79 -8.90 28.50
CA PRO A 277 16.82 -7.97 29.08
C PRO A 277 16.60 -6.66 28.33
N THR A 278 17.58 -6.23 27.53
CA THR A 278 17.65 -4.85 27.06
C THR A 278 18.05 -4.74 25.58
N THR A 279 17.37 -3.87 24.84
CA THR A 279 17.68 -3.68 23.42
C THR A 279 19.01 -2.99 23.20
N GLY A 280 19.79 -3.49 22.25
CA GLY A 280 21.02 -2.86 21.82
C GLY A 280 22.16 -2.98 22.81
N VAL A 281 22.03 -3.91 23.76
CA VAL A 281 22.97 -4.08 24.86
C VAL A 281 23.24 -5.57 25.06
N ASN A 282 24.45 -5.90 25.51
CA ASN A 282 24.83 -7.28 25.80
C ASN A 282 23.82 -7.97 26.73
N GLY A 283 23.59 -9.25 26.48
CA GLY A 283 22.73 -10.06 27.31
C GLY A 283 23.39 -10.40 28.63
N THR A 284 22.57 -10.83 29.59
CA THR A 284 23.05 -11.23 30.90
C THR A 284 23.88 -12.51 30.78
N GLY A 285 25.17 -12.40 31.10
CA GLY A 285 26.09 -13.53 30.98
C GLY A 285 26.40 -13.92 29.55
N ALA A 286 26.14 -13.02 28.60
CA ALA A 286 26.27 -13.33 27.18
C ALA A 286 27.70 -13.76 26.84
N THR A 287 27.81 -14.80 26.01
CA THR A 287 29.10 -15.22 25.44
C THR A 287 29.39 -14.58 24.07
N SER A 288 28.39 -13.92 23.49
CA SER A 288 28.57 -13.09 22.30
C SER A 288 27.99 -11.71 22.55
N ALA A 289 28.69 -10.69 22.07
CA ALA A 289 28.26 -9.30 22.18
C ALA A 289 27.07 -9.03 21.28
N TRP A 290 26.28 -8.02 21.63
CA TRP A 290 25.02 -7.75 20.95
C TRP A 290 25.21 -7.52 19.45
N ASN A 291 26.32 -6.87 19.10
CA ASN A 291 26.61 -6.45 17.72
C ASN A 291 26.90 -7.60 16.75
N ILE A 292 27.24 -8.77 17.29
CA ILE A 292 27.37 -10.01 16.53
C ILE A 292 26.08 -10.35 15.77
N PHE A 293 24.95 -9.84 16.26
CA PHE A 293 23.62 -10.16 15.71
C PHE A 293 22.97 -8.99 14.97
N THR A 294 23.76 -8.01 14.54
CA THR A 294 23.22 -6.89 13.76
C THR A 294 23.14 -7.34 12.29
N SER A 295 22.02 -7.08 11.64
CA SER A 295 21.84 -7.51 10.26
C SER A 295 22.42 -6.48 9.29
N LYS A 296 22.40 -6.82 8.00
CA LYS A 296 22.87 -5.93 6.94
C LYS A 296 22.12 -4.60 6.94
N TRP A 297 20.85 -4.64 7.36
CA TRP A 297 19.96 -3.50 7.35
C TRP A 297 19.99 -2.71 8.66
N GLY A 298 20.78 -3.19 9.62
CA GLY A 298 20.91 -2.53 10.91
C GLY A 298 19.85 -2.95 11.90
N VAL A 299 19.27 -4.13 11.68
CA VAL A 299 18.35 -4.72 12.64
C VAL A 299 19.22 -5.26 13.79
N VAL A 300 18.98 -4.74 14.97
CA VAL A 300 19.77 -5.07 16.16
C VAL A 300 19.19 -6.29 16.88
N GLN A 301 20.06 -7.22 17.28
CA GLN A 301 19.66 -8.47 17.92
C GLN A 301 18.69 -9.25 17.01
N ALA A 302 19.06 -9.31 15.74
CA ALA A 302 18.19 -9.82 14.67
C ALA A 302 17.92 -11.30 14.81
N SER A 303 18.90 -12.03 15.33
CA SER A 303 18.75 -13.45 15.63
C SER A 303 19.50 -13.80 16.91
N GLY A 304 19.19 -14.97 17.47
CA GLY A 304 19.96 -15.54 18.55
C GLY A 304 19.84 -14.84 19.89
N CYS A 305 18.85 -13.98 20.07
CA CYS A 305 18.70 -13.22 21.29
C CYS A 305 17.34 -13.49 21.93
N LEU A 306 16.26 -13.18 21.23
CA LEU A 306 14.90 -13.61 21.61
C LEU A 306 14.13 -13.98 20.38
N TRP A 307 13.33 -15.04 20.48
CA TRP A 307 12.39 -15.38 19.42
C TRP A 307 11.49 -14.18 19.20
N THR A 308 11.13 -13.93 17.95
CA THR A 308 9.99 -13.11 17.66
C THR A 308 8.83 -14.01 17.23
N TRP A 309 7.66 -13.72 17.76
CA TRP A 309 6.42 -14.25 17.21
C TRP A 309 6.35 -13.83 15.73
N GLY A 310 5.67 -14.63 14.94
CA GLY A 310 5.48 -14.35 13.52
C GLY A 310 4.02 -14.31 13.14
N ASN A 311 3.72 -13.75 11.97
CA ASN A 311 2.36 -13.58 11.49
C ASN A 311 1.95 -14.72 10.55
N GLU A 312 2.21 -15.94 11.00
CA GLU A 312 1.97 -17.13 10.19
C GLU A 312 1.77 -18.32 11.11
N PHE A 313 0.83 -19.18 10.72
CA PHE A 313 0.45 -20.34 11.50
C PHE A 313 0.70 -21.63 10.73
N GLY A 314 1.06 -22.67 11.48
CA GLY A 314 1.37 -23.98 10.94
C GLY A 314 2.16 -24.80 11.93
N GLY A 315 2.49 -26.03 11.56
CA GLY A 315 3.25 -26.91 12.44
C GLY A 315 2.36 -27.71 13.37
N VAL A 316 2.79 -27.84 14.62
CA VAL A 316 2.11 -28.67 15.60
C VAL A 316 0.82 -28.01 16.05
N ASN A 317 -0.24 -28.80 16.11
CA ASN A 317 -1.56 -28.32 16.50
C ASN A 317 -1.87 -28.58 17.97
N GLY A 318 -2.67 -27.71 18.57
CA GLY A 318 -3.27 -27.97 19.86
C GLY A 318 -4.39 -28.98 19.67
N ALA A 319 -5.13 -29.22 20.75
CA ALA A 319 -6.14 -30.29 20.78
C ALA A 319 -7.24 -30.06 19.75
N SER A 320 -7.73 -31.14 19.16
CA SER A 320 -8.93 -31.12 18.32
C SER A 320 -10.18 -31.17 19.20
N GLU A 321 -10.32 -30.11 19.97
CA GLU A 321 -11.37 -29.92 20.95
C GLU A 321 -11.33 -28.43 21.28
N TYR A 322 -12.49 -27.83 21.52
CA TYR A 322 -12.51 -26.40 21.83
C TYR A 322 -11.75 -26.12 23.12
N THR A 323 -10.80 -25.21 23.03
CA THR A 323 -9.89 -24.90 24.12
C THR A 323 -9.95 -23.41 24.41
N ALA A 324 -10.38 -23.07 25.62
CA ALA A 324 -10.51 -21.68 26.03
C ALA A 324 -9.18 -21.13 26.57
N ASN A 325 -8.30 -20.71 25.66
CA ASN A 325 -6.94 -20.27 26.02
C ASN A 325 -6.56 -18.93 25.39
N THR A 326 -7.57 -18.12 25.04
CA THR A 326 -7.36 -16.86 24.33
C THR A 326 -7.44 -15.64 25.25
N GLY A 327 -7.38 -15.86 26.56
CA GLY A 327 -7.53 -14.79 27.53
C GLY A 327 -8.97 -14.31 27.66
N GLY A 328 -9.92 -15.22 27.49
CA GLY A 328 -11.34 -14.95 27.69
C GLY A 328 -12.07 -14.37 26.48
N ARG A 329 -11.54 -14.62 25.27
CA ARG A 329 -12.13 -14.08 24.05
C ARG A 329 -12.50 -15.18 23.06
N GLY A 330 -13.01 -16.29 23.58
CA GLY A 330 -13.41 -17.42 22.77
C GLY A 330 -12.49 -18.61 22.91
N SER A 331 -12.81 -19.67 22.16
CA SER A 331 -12.04 -20.91 22.19
C SER A 331 -11.49 -21.25 20.82
N VAL A 332 -10.49 -22.13 20.79
CA VAL A 332 -9.85 -22.56 19.56
C VAL A 332 -9.89 -24.08 19.40
N TYR A 333 -9.97 -24.53 18.14
CA TYR A 333 -10.10 -25.92 17.81
C TYR A 333 -8.99 -26.29 16.82
N ALA A 334 -8.18 -27.28 17.18
CA ALA A 334 -7.03 -27.70 16.37
C ALA A 334 -6.12 -26.53 16.03
N GLN A 335 -5.88 -25.66 17.01
CA GLN A 335 -5.11 -24.44 16.82
C GLN A 335 -3.67 -24.73 16.42
N PRO A 336 -3.26 -24.34 15.22
CA PRO A 336 -1.85 -24.47 14.84
C PRO A 336 -0.94 -23.51 15.60
N ALA A 337 0.32 -23.91 15.74
CA ALA A 337 1.34 -23.05 16.31
C ALA A 337 1.43 -21.74 15.52
N ALA A 338 1.79 -20.68 16.23
CA ALA A 338 2.23 -19.44 15.60
C ALA A 338 3.74 -19.51 15.48
N ALA A 339 4.26 -19.22 14.30
CA ALA A 339 5.69 -19.28 14.04
C ALA A 339 6.49 -18.47 15.06
N LEU A 340 7.66 -19.01 15.41
CA LEU A 340 8.69 -18.29 16.15
C LEU A 340 9.91 -18.24 15.25
N PHE A 341 10.56 -17.08 15.17
CA PHE A 341 11.69 -16.88 14.29
C PHE A 341 12.93 -16.37 15.02
N GLY A 342 14.09 -16.87 14.61
CA GLY A 342 15.36 -16.24 14.96
C GLY A 342 16.21 -16.95 16.00
N GLY A 343 15.56 -17.67 16.91
CA GLY A 343 16.23 -18.29 18.04
C GLY A 343 16.39 -17.29 19.16
N ASN A 344 16.56 -17.81 20.38
CA ASN A 344 16.85 -16.96 21.53
C ASN A 344 18.27 -17.22 22.05
N TRP A 345 18.63 -16.54 23.14
CA TRP A 345 19.99 -16.63 23.70
C TRP A 345 20.38 -18.05 24.07
N ASN A 346 19.39 -18.89 24.39
CA ASN A 346 19.61 -20.27 24.86
C ASN A 346 19.59 -21.32 23.72
N SER A 347 19.54 -20.87 22.46
CA SER A 347 19.28 -21.76 21.33
C SER A 347 20.51 -22.33 20.64
N THR A 348 21.69 -22.13 21.24
CA THR A 348 22.99 -22.52 20.69
C THR A 348 23.09 -22.36 19.17
N SER A 349 23.36 -23.44 18.45
CA SER A 349 23.60 -23.36 17.01
C SER A 349 22.32 -23.39 16.15
N ASN A 350 21.15 -23.49 16.80
CA ASN A 350 19.86 -23.46 16.11
C ASN A 350 19.44 -22.07 15.63
N SER A 351 19.99 -21.02 16.22
CA SER A 351 19.64 -19.65 15.87
C SER A 351 20.14 -19.23 14.49
N GLY A 352 19.50 -18.20 13.95
CA GLY A 352 19.86 -17.65 12.66
C GLY A 352 18.71 -16.92 11.98
N SER A 353 19.00 -16.38 10.79
CA SER A 353 18.03 -15.63 10.01
C SER A 353 16.90 -16.50 9.44
N ARG A 354 17.06 -17.83 9.46
CA ARG A 354 16.02 -18.77 9.05
C ARG A 354 15.58 -19.74 10.16
N ALA A 355 16.08 -19.53 11.37
CA ALA A 355 15.66 -20.32 12.52
C ALA A 355 14.16 -20.18 12.69
N ALA A 356 13.47 -21.29 12.85
CA ALA A 356 12.02 -21.27 13.01
C ALA A 356 11.55 -22.42 13.90
N ASN A 357 10.63 -22.10 14.81
CA ASN A 357 10.04 -23.11 15.67
C ASN A 357 8.53 -23.02 15.51
N TRP A 358 7.89 -24.15 15.24
CA TRP A 358 6.44 -24.19 15.02
C TRP A 358 5.79 -25.16 15.98
N ASN A 359 6.23 -25.11 17.24
CA ASN A 359 5.72 -25.95 18.31
C ASN A 359 5.01 -25.15 19.42
N SER A 360 4.93 -23.83 19.26
CA SER A 360 4.29 -22.95 20.23
C SER A 360 2.94 -22.43 19.78
N GLY A 361 1.88 -22.86 20.46
CA GLY A 361 0.56 -22.28 20.28
C GLY A 361 0.59 -20.80 20.65
N PRO A 362 -0.29 -20.01 20.06
CA PRO A 362 -0.33 -18.57 20.34
C PRO A 362 -0.59 -18.20 21.81
N SER A 363 -1.17 -19.11 22.58
CA SER A 363 -1.45 -18.85 24.00
C SER A 363 -0.23 -18.99 24.91
N ASN A 364 0.87 -19.51 24.39
CA ASN A 364 2.10 -19.61 25.17
C ASN A 364 2.67 -18.23 25.50
N SER A 365 3.35 -18.12 26.65
CA SER A 365 3.85 -16.85 27.15
C SER A 365 5.20 -17.02 27.87
N PRO A 366 6.25 -17.42 27.14
CA PRO A 366 7.55 -17.66 27.76
C PRO A 366 8.45 -16.45 27.77
N ALA A 367 9.39 -16.45 28.71
CA ALA A 367 10.36 -15.37 28.88
C ALA A 367 11.29 -15.18 27.69
N ASN A 368 11.38 -16.18 26.81
CA ASN A 368 12.28 -16.12 25.67
C ASN A 368 11.63 -15.74 24.34
N ILE A 369 10.35 -15.38 24.35
CA ILE A 369 9.66 -14.89 23.14
C ILE A 369 9.20 -13.45 23.29
N GLY A 370 9.66 -12.61 22.37
CA GLY A 370 9.14 -11.26 22.20
C GLY A 370 8.61 -11.04 20.79
N ALA A 371 8.81 -9.83 20.28
CA ALA A 371 8.29 -9.44 18.98
C ALA A 371 9.17 -8.39 18.32
N ARG A 372 9.16 -8.41 16.99
CA ARG A 372 9.73 -7.35 16.19
C ARG A 372 8.69 -6.95 15.17
N GLY A 373 8.54 -5.65 14.96
CA GLY A 373 7.54 -5.15 14.05
C GLY A 373 8.05 -4.96 12.64
N VAL A 374 7.16 -5.13 11.67
CA VAL A 374 7.41 -4.76 10.29
C VAL A 374 6.19 -4.04 9.74
N CYS A 375 6.37 -3.32 8.64
CA CYS A 375 5.25 -2.74 7.91
C CYS A 375 5.65 -2.50 6.47
N ASP A 376 4.67 -2.11 5.65
CA ASP A 376 4.88 -1.86 4.23
C ASP A 376 5.74 -0.62 3.97
N HIS A 377 6.36 -0.60 2.79
CA HIS A 377 7.09 0.56 2.30
C HIS A 377 6.10 1.43 1.53
N LEU A 378 6.07 2.71 1.89
CA LEU A 378 5.13 3.67 1.31
C LEU A 378 5.86 4.71 0.48
N ILE A 379 5.52 4.77 -0.80
CA ILE A 379 5.93 5.87 -1.67
C ILE A 379 4.70 6.71 -1.96
N LEU A 380 4.86 8.03 -1.87
CA LEU A 380 3.77 8.96 -2.13
C LEU A 380 4.15 9.93 -3.26
N VAL B 5 8.85 48.12 -19.34
CA VAL B 5 7.81 48.39 -18.31
C VAL B 5 8.04 47.51 -17.10
N GLN B 6 8.29 48.13 -15.95
CA GLN B 6 8.49 47.43 -14.68
C GLN B 6 7.31 47.69 -13.75
N PHE B 7 6.98 46.69 -12.92
CA PHE B 7 5.81 46.76 -12.04
C PHE B 7 6.24 47.05 -10.62
N ARG B 8 5.29 47.52 -9.81
CA ARG B 8 5.54 47.78 -8.40
C ARG B 8 5.89 46.46 -7.72
N GLY B 9 6.90 46.48 -6.86
CA GLY B 9 7.33 45.27 -6.18
C GLY B 9 8.19 45.50 -4.95
N GLY B 10 8.27 44.47 -4.12
CA GLY B 10 9.10 44.48 -2.95
C GLY B 10 9.26 43.10 -2.33
N THR B 11 10.03 43.03 -1.25
CA THR B 11 10.23 41.79 -0.50
C THR B 11 8.90 41.26 0.06
N THR B 12 8.95 40.05 0.62
CA THR B 12 7.77 39.41 1.20
C THR B 12 7.36 40.07 2.51
N ALA B 13 8.34 40.59 3.26
CA ALA B 13 8.09 41.30 4.51
C ALA B 13 7.38 42.62 4.26
N GLN B 14 7.77 43.31 3.19
CA GLN B 14 7.10 44.53 2.75
C GLN B 14 5.68 44.25 2.24
N HIS B 15 5.48 43.06 1.68
CA HIS B 15 4.16 42.65 1.19
C HIS B 15 3.20 42.29 2.34
N ALA B 16 3.76 41.94 3.49
CA ALA B 16 2.97 41.43 4.63
C ALA B 16 1.90 42.41 5.12
N THR B 17 2.30 43.66 5.38
CA THR B 17 1.39 44.69 5.86
C THR B 17 0.69 45.41 4.71
N PHE B 18 1.19 45.23 3.49
CA PHE B 18 0.66 45.90 2.32
C PHE B 18 -0.72 45.38 1.90
N THR B 19 -1.73 46.23 2.05
CA THR B 19 -3.03 46.02 1.43
C THR B 19 -3.08 46.98 0.25
N GLY B 20 -3.10 46.42 -0.96
CA GLY B 20 -3.10 47.24 -2.17
C GLY B 20 -4.47 47.77 -2.51
N ALA B 21 -4.71 47.96 -3.80
CA ALA B 21 -6.04 48.29 -4.31
C ALA B 21 -6.59 47.06 -5.00
N ALA B 22 -7.91 47.05 -5.24
CA ALA B 22 -8.55 45.95 -5.94
C ALA B 22 -7.98 45.81 -7.34
N ARG B 23 -7.68 44.57 -7.74
CA ARG B 23 -7.14 44.25 -9.06
C ARG B 23 -5.71 44.76 -9.30
N GLU B 24 -4.99 45.13 -8.24
CA GLU B 24 -3.59 45.51 -8.37
C GLU B 24 -2.75 44.24 -8.47
N ILE B 25 -1.70 44.30 -9.29
CA ILE B 25 -0.76 43.20 -9.42
C ILE B 25 0.64 43.73 -9.13
N THR B 26 1.28 43.20 -8.10
CA THR B 26 2.67 43.52 -7.78
C THR B 26 3.55 42.30 -8.00
N VAL B 27 4.85 42.48 -7.80
CA VAL B 27 5.83 41.42 -7.95
C VAL B 27 6.57 41.26 -6.63
N ASP B 28 6.44 40.08 -6.03
CA ASP B 28 7.30 39.70 -4.91
C ASP B 28 8.69 39.41 -5.50
N THR B 29 9.67 40.22 -5.12
CA THR B 29 11.03 40.12 -5.68
C THR B 29 11.88 39.03 -5.02
N ASP B 30 11.48 38.60 -3.84
CA ASP B 30 12.09 37.43 -3.20
C ASP B 30 11.63 36.14 -3.87
N LYS B 31 10.33 36.02 -4.11
CA LYS B 31 9.72 34.81 -4.65
C LYS B 31 9.75 34.76 -6.18
N ASN B 32 10.03 35.90 -6.80
CA ASN B 32 9.90 36.07 -8.25
C ASN B 32 8.55 35.57 -8.77
N THR B 33 7.49 36.02 -8.11
CA THR B 33 6.12 35.71 -8.54
C THR B 33 5.22 36.95 -8.47
N VAL B 34 4.01 36.81 -9.01
CA VAL B 34 3.01 37.87 -8.98
C VAL B 34 2.10 37.70 -7.75
N VAL B 35 1.71 38.81 -7.15
CA VAL B 35 0.75 38.83 -6.06
C VAL B 35 -0.46 39.65 -6.51
N VAL B 36 -1.63 39.01 -6.54
CA VAL B 36 -2.88 39.69 -6.83
C VAL B 36 -3.44 40.27 -5.54
N HIS B 37 -3.97 41.50 -5.62
CA HIS B 37 -4.52 42.19 -4.46
C HIS B 37 -6.02 42.43 -4.65
N ASP B 38 -6.72 42.61 -3.53
CA ASP B 38 -8.16 42.82 -3.53
C ASP B 38 -8.62 44.06 -2.75
N GLY B 39 -7.67 44.77 -2.13
CA GLY B 39 -7.95 46.00 -1.42
C GLY B 39 -8.46 45.82 0.00
N ALA B 40 -8.11 44.70 0.63
CA ALA B 40 -8.63 44.36 1.96
C ALA B 40 -7.74 43.34 2.69
N THR B 41 -7.41 42.25 2.01
CA THR B 41 -6.57 41.19 2.56
C THR B 41 -5.09 41.56 2.56
N ALA B 42 -4.50 41.68 3.74
CA ALA B 42 -3.06 41.95 3.87
C ALA B 42 -2.25 40.77 3.36
N GLY B 43 -1.14 41.04 2.69
CA GLY B 43 -0.31 40.00 2.10
C GLY B 43 -0.71 39.63 0.68
N GLY B 44 -1.96 39.88 0.32
CA GLY B 44 -2.46 39.60 -1.01
C GLY B 44 -2.58 38.11 -1.28
N PHE B 45 -2.55 37.76 -2.55
CA PHE B 45 -2.75 36.39 -3.01
C PHE B 45 -1.63 36.03 -3.99
N PRO B 46 -0.52 35.53 -3.48
CA PRO B 46 0.61 35.13 -4.34
C PRO B 46 0.23 34.01 -5.30
N LEU B 47 0.81 34.04 -6.50
CA LEU B 47 0.56 33.00 -7.49
C LEU B 47 1.72 32.00 -7.45
N ALA B 48 1.44 30.79 -7.94
CA ALA B 48 2.40 29.69 -7.86
C ALA B 48 3.36 29.74 -9.03
N ARG B 49 4.63 29.51 -8.75
CA ARG B 49 5.61 29.34 -9.81
C ARG B 49 5.48 27.94 -10.42
N HIS B 50 5.93 27.80 -11.66
CA HIS B 50 5.81 26.55 -12.39
C HIS B 50 6.65 25.43 -11.78
N ASP B 51 7.72 25.80 -11.09
CA ASP B 51 8.59 24.84 -10.42
C ASP B 51 7.82 23.88 -9.51
N LEU B 52 6.80 24.39 -8.84
CA LEU B 52 6.04 23.62 -7.85
C LEU B 52 5.08 22.60 -8.44
N VAL B 53 4.79 22.71 -9.73
CA VAL B 53 3.89 21.78 -10.40
C VAL B 53 4.57 21.06 -11.57
N LYS B 54 5.90 21.03 -11.55
CA LYS B 54 6.61 20.11 -12.43
C LYS B 54 6.38 18.70 -11.88
N THR B 55 6.37 17.73 -12.78
CA THR B 55 5.95 16.34 -12.53
C THR B 55 4.44 16.16 -12.41
N ALA B 56 3.66 17.18 -12.75
CA ALA B 56 2.20 17.08 -12.73
C ALA B 56 1.72 16.02 -13.74
N PHE B 57 0.88 15.12 -13.27
CA PHE B 57 0.29 14.07 -14.09
C PHE B 57 -1.10 13.80 -13.54
N ILE B 58 -2.13 14.19 -14.29
CA ILE B 58 -3.51 14.18 -13.83
C ILE B 58 -4.37 13.37 -14.77
N LYS B 59 -5.16 12.46 -14.21
CA LYS B 59 -6.08 11.65 -14.98
C LYS B 59 -7.50 11.98 -14.53
N ALA B 60 -8.46 11.89 -15.45
CA ALA B 60 -9.87 12.08 -15.13
C ALA B 60 -10.33 11.00 -14.14
N ASP B 61 -9.91 9.76 -14.40
CA ASP B 61 -10.22 8.61 -13.55
C ASP B 61 -8.93 8.08 -12.94
N LYS B 62 -8.70 8.43 -11.68
CA LYS B 62 -7.47 8.08 -10.97
C LYS B 62 -7.46 6.63 -10.47
N SER B 63 -8.59 5.96 -10.56
CA SER B 63 -8.68 4.55 -10.16
C SER B 63 -8.64 3.58 -11.36
N ALA B 64 -8.23 4.10 -12.53
CA ALA B 64 -8.01 3.28 -13.71
C ALA B 64 -6.74 3.72 -14.42
N VAL B 65 -6.16 2.84 -15.24
CA VAL B 65 -4.96 3.17 -15.99
C VAL B 65 -5.27 4.26 -17.03
N ALA B 66 -4.23 4.99 -17.44
CA ALA B 66 -4.40 6.15 -18.31
C ALA B 66 -4.59 5.82 -19.78
N PHE B 67 -4.48 4.55 -20.15
CA PHE B 67 -4.53 4.12 -21.54
C PHE B 67 -5.59 3.07 -21.80
N THR B 68 -5.97 2.96 -23.08
CA THR B 68 -6.95 1.97 -23.51
C THR B 68 -6.40 1.18 -24.69
N ARG B 69 -6.46 -0.15 -24.59
CA ARG B 69 -6.18 -1.00 -25.73
C ARG B 69 -7.34 -0.88 -26.71
N THR B 70 -7.04 -0.56 -27.97
CA THR B 70 -8.05 -0.40 -29.02
C THR B 70 -7.98 -1.48 -30.09
N GLY B 71 -6.92 -2.30 -30.04
CA GLY B 71 -6.75 -3.45 -30.92
C GLY B 71 -5.52 -4.24 -30.52
N ASN B 72 -5.19 -5.27 -31.29
CA ASN B 72 -4.04 -6.11 -30.98
C ASN B 72 -2.73 -5.34 -30.94
N ALA B 73 -2.61 -4.30 -31.77
CA ALA B 73 -1.37 -3.52 -31.85
C ALA B 73 -1.59 -2.02 -31.71
N THR B 74 -2.77 -1.62 -31.23
CA THR B 74 -3.08 -0.20 -31.08
C THR B 74 -3.58 0.12 -29.68
N ALA B 75 -3.29 1.34 -29.24
CA ALA B 75 -3.78 1.85 -27.97
C ALA B 75 -3.88 3.38 -28.01
N SER B 76 -4.62 3.93 -27.05
CA SER B 76 -4.80 5.38 -26.94
C SER B 76 -4.62 5.82 -25.51
N ILE B 77 -4.17 7.05 -25.34
CA ILE B 77 -4.20 7.71 -24.04
C ILE B 77 -5.58 8.33 -23.87
N LYS B 78 -6.07 8.36 -22.64
CA LYS B 78 -7.47 8.70 -22.38
C LYS B 78 -7.71 10.20 -22.36
N ALA B 79 -8.95 10.58 -22.65
CA ALA B 79 -9.40 11.96 -22.55
C ALA B 79 -9.30 12.46 -21.11
N GLY B 80 -8.94 13.74 -20.96
CA GLY B 80 -8.77 14.34 -19.65
C GLY B 80 -7.43 14.11 -18.99
N THR B 81 -6.46 13.59 -19.74
CA THR B 81 -5.11 13.36 -19.21
C THR B 81 -4.25 14.60 -19.42
N ILE B 82 -3.65 15.10 -18.35
CA ILE B 82 -2.81 16.30 -18.40
C ILE B 82 -1.42 15.96 -17.88
N VAL B 83 -0.39 16.26 -18.66
CA VAL B 83 0.98 15.89 -18.35
C VAL B 83 1.93 17.06 -18.53
N GLU B 84 2.70 17.37 -17.49
CA GLU B 84 3.81 18.32 -17.59
C GLU B 84 4.99 17.60 -18.21
N VAL B 85 5.57 18.17 -19.26
CA VAL B 85 6.78 17.63 -19.87
C VAL B 85 7.66 18.76 -20.40
N ASN B 86 8.82 18.95 -19.77
CA ASN B 86 9.81 19.92 -20.21
C ASN B 86 9.24 21.32 -20.29
N GLY B 87 8.52 21.73 -19.26
CA GLY B 87 7.96 23.06 -19.20
C GLY B 87 6.56 23.20 -19.79
N LYS B 88 6.24 22.36 -20.79
CA LYS B 88 4.98 22.45 -21.48
C LYS B 88 3.86 21.80 -20.67
N LEU B 89 2.63 22.10 -21.08
CA LEU B 89 1.44 21.48 -20.57
C LEU B 89 0.86 20.75 -21.76
N VAL B 90 0.92 19.42 -21.72
CA VAL B 90 0.36 18.59 -22.77
C VAL B 90 -0.93 17.99 -22.24
N GLN B 91 -2.03 18.28 -22.91
CA GLN B 91 -3.31 17.70 -22.52
C GLN B 91 -3.99 17.05 -23.71
N PHE B 92 -4.77 16.02 -23.41
CA PHE B 92 -5.48 15.26 -24.42
C PHE B 92 -6.95 15.36 -24.04
N THR B 93 -7.68 16.21 -24.76
CA THR B 93 -9.10 16.45 -24.48
C THR B 93 -9.97 15.30 -24.97
N ALA B 94 -9.50 14.59 -25.99
CA ALA B 94 -10.15 13.38 -26.47
C ALA B 94 -9.16 12.23 -26.49
N ASP B 95 -9.67 11.00 -26.57
CA ASP B 95 -8.84 9.80 -26.68
C ASP B 95 -7.91 9.95 -27.89
N THR B 96 -6.60 9.90 -27.63
CA THR B 96 -5.59 10.16 -28.64
C THR B 96 -4.73 8.92 -28.87
N ALA B 97 -4.56 8.54 -30.13
CA ALA B 97 -3.82 7.35 -30.49
C ALA B 97 -2.35 7.46 -30.09
N ILE B 98 -1.77 6.34 -29.65
CA ILE B 98 -0.36 6.26 -29.31
C ILE B 98 0.40 5.75 -30.54
N THR B 99 1.40 6.50 -30.96
CA THR B 99 2.26 6.08 -32.07
C THR B 99 3.06 4.85 -31.65
N MET B 100 2.93 3.77 -32.42
CA MET B 100 3.58 2.52 -32.09
C MET B 100 4.79 2.25 -32.99
N PRO B 101 5.82 1.65 -32.42
CA PRO B 101 6.93 1.12 -33.21
C PRO B 101 6.54 -0.27 -33.69
N ALA B 102 7.48 -0.96 -34.34
CA ALA B 102 7.34 -2.38 -34.60
C ALA B 102 7.20 -3.08 -33.24
N LEU B 103 6.18 -3.93 -33.12
CA LEU B 103 5.92 -4.65 -31.88
C LEU B 103 6.37 -6.11 -32.02
N THR B 104 7.11 -6.58 -31.02
CA THR B 104 7.78 -7.87 -31.04
C THR B 104 7.23 -8.72 -29.89
N ALA B 105 6.74 -9.92 -30.21
CA ALA B 105 6.16 -10.83 -29.23
C ALA B 105 7.06 -10.98 -28.01
N GLY B 106 6.45 -10.91 -26.83
CA GLY B 106 7.17 -11.06 -25.57
C GLY B 106 8.05 -9.89 -25.19
N THR B 107 7.62 -8.67 -25.50
CA THR B 107 8.42 -7.48 -25.23
C THR B 107 7.63 -6.43 -24.45
N ASP B 108 8.30 -5.76 -23.52
CA ASP B 108 7.71 -4.66 -22.78
C ASP B 108 8.00 -3.33 -23.49
N TYR B 109 7.02 -2.45 -23.47
CA TYR B 109 7.12 -1.13 -24.08
C TYR B 109 6.79 -0.06 -23.07
N ALA B 110 7.48 1.08 -23.17
CA ALA B 110 7.19 2.26 -22.40
C ALA B 110 6.39 3.23 -23.25
N ILE B 111 5.47 3.95 -22.62
CA ILE B 111 4.69 4.99 -23.27
C ILE B 111 5.21 6.33 -22.78
N TYR B 112 5.48 7.23 -23.72
CA TYR B 112 6.00 8.55 -23.43
C TYR B 112 5.05 9.64 -23.92
N VAL B 113 4.88 10.69 -23.15
CA VAL B 113 4.23 11.91 -23.63
C VAL B 113 5.35 12.92 -23.88
N CYS B 114 5.39 13.47 -25.09
CA CYS B 114 6.49 14.31 -25.54
C CYS B 114 6.10 15.79 -25.54
N ASP B 115 7.10 16.68 -25.58
CA ASP B 115 6.84 18.12 -25.50
C ASP B 115 6.36 18.76 -26.81
N ASP B 116 6.12 17.94 -27.83
CA ASP B 116 5.45 18.40 -29.05
C ASP B 116 3.98 17.95 -29.09
N GLY B 117 3.47 17.48 -27.95
CA GLY B 117 2.09 17.03 -27.83
C GLY B 117 1.82 15.60 -28.30
N THR B 118 2.85 14.92 -28.78
CA THR B 118 2.69 13.56 -29.28
C THR B 118 2.82 12.55 -28.15
N VAL B 119 2.21 11.39 -28.35
CA VAL B 119 2.33 10.28 -27.41
C VAL B 119 2.77 9.05 -28.19
N ARG B 120 3.73 8.31 -27.66
CA ARG B 120 4.34 7.21 -28.39
C ARG B 120 4.96 6.16 -27.51
N ALA B 121 5.00 4.93 -28.01
CA ALA B 121 5.58 3.82 -27.29
C ALA B 121 6.91 3.45 -27.92
N ASP B 122 7.74 2.79 -27.12
CA ASP B 122 9.09 2.41 -27.52
C ASP B 122 9.61 1.32 -26.61
N SER B 123 10.40 0.39 -27.15
CA SER B 123 11.02 -0.68 -26.36
C SER B 123 12.11 -0.14 -25.43
N ASN B 124 12.60 1.06 -25.74
CA ASN B 124 13.58 1.75 -24.93
C ASN B 124 12.91 2.47 -23.75
N PHE B 125 13.37 2.17 -22.54
CA PHE B 125 12.79 2.72 -21.31
C PHE B 125 13.51 3.95 -20.75
N SER B 126 14.43 4.53 -21.53
CA SER B 126 15.05 5.80 -21.17
C SER B 126 14.44 6.93 -21.99
N ALA B 127 14.36 6.73 -23.31
CA ALA B 127 13.70 7.69 -24.18
C ALA B 127 13.24 7.00 -25.48
N PRO B 128 12.20 7.53 -26.11
CA PRO B 128 11.76 7.00 -27.40
C PRO B 128 12.65 7.53 -28.51
N THR B 129 12.62 6.90 -29.68
CA THR B 129 13.50 7.29 -30.77
C THR B 129 13.11 8.66 -31.32
N GLY B 130 14.12 9.54 -31.46
CA GLY B 130 13.91 10.91 -31.91
C GLY B 130 13.76 11.91 -30.77
N TYR B 131 13.86 11.44 -29.53
CA TYR B 131 13.73 12.28 -28.34
C TYR B 131 14.75 11.90 -27.28
N THR B 132 14.81 12.69 -26.21
CA THR B 132 15.59 12.36 -25.01
C THR B 132 14.65 12.20 -23.82
N SER B 133 15.21 11.86 -22.67
CA SER B 133 14.42 11.72 -21.43
C SER B 133 13.96 13.07 -20.87
N THR B 134 14.47 14.17 -21.45
CA THR B 134 14.01 15.52 -21.14
C THR B 134 12.82 15.95 -21.99
N THR B 135 12.87 15.69 -23.29
CA THR B 135 11.78 16.08 -24.21
C THR B 135 10.68 15.02 -24.31
N ALA B 136 10.88 13.87 -23.66
CA ALA B 136 9.91 12.79 -23.66
C ALA B 136 9.78 12.22 -22.25
N ARG B 137 8.59 12.32 -21.68
CA ARG B 137 8.35 11.87 -20.32
C ARG B 137 7.71 10.48 -20.30
N LYS B 138 8.38 9.54 -19.66
CA LYS B 138 7.87 8.19 -19.48
C LYS B 138 6.73 8.23 -18.48
N VAL B 139 5.53 7.84 -18.91
CA VAL B 139 4.33 7.87 -18.06
C VAL B 139 3.63 6.51 -17.91
N GLY B 140 4.20 5.45 -18.48
CA GLY B 140 3.54 4.15 -18.41
C GLY B 140 4.12 3.15 -19.38
N GLY B 141 3.37 2.09 -19.62
CA GLY B 141 3.84 1.02 -20.47
C GLY B 141 2.88 -0.13 -20.59
N PHE B 142 3.32 -1.17 -21.29
CA PHE B 142 2.55 -2.39 -21.47
C PHE B 142 3.43 -3.53 -21.94
N HIS B 143 2.89 -4.73 -21.84
CA HIS B 143 3.51 -5.92 -22.39
C HIS B 143 2.81 -6.31 -23.68
N TYR B 144 3.60 -6.52 -24.73
CA TYR B 144 3.13 -7.08 -25.98
C TYR B 144 3.38 -8.58 -25.88
N ALA B 145 2.32 -9.33 -25.64
CA ALA B 145 2.39 -10.75 -25.31
C ALA B 145 2.48 -11.64 -26.54
N PRO B 146 3.02 -12.85 -26.39
CA PRO B 146 3.11 -13.82 -27.50
C PRO B 146 1.78 -14.48 -27.89
N GLY B 147 0.72 -14.21 -27.13
CA GLY B 147 -0.59 -14.74 -27.44
C GLY B 147 -1.67 -14.01 -26.66
N SER B 148 -2.93 -14.29 -26.97
CA SER B 148 -4.04 -13.61 -26.33
C SER B 148 -4.22 -14.03 -24.88
N ASN B 149 -4.84 -13.16 -24.11
CA ASN B 149 -5.41 -13.51 -22.82
C ASN B 149 -6.54 -14.52 -23.05
N ALA B 150 -6.87 -15.28 -22.02
CA ALA B 150 -7.97 -16.25 -22.09
C ALA B 150 -9.31 -15.54 -22.10
N ALA B 151 -10.12 -15.81 -23.13
CA ALA B 151 -11.48 -15.26 -23.20
C ALA B 151 -12.43 -16.01 -22.28
N ALA B 152 -12.09 -17.26 -21.94
CA ALA B 152 -12.91 -18.10 -21.08
C ALA B 152 -12.00 -18.96 -20.19
N GLN B 153 -12.10 -20.29 -20.28
CA GLN B 153 -11.27 -21.20 -19.46
C GLN B 153 -10.62 -22.28 -20.32
N ALA B 154 -10.11 -21.86 -21.46
CA ALA B 154 -9.41 -22.74 -22.40
C ALA B 154 -8.08 -22.13 -22.85
N GLY B 155 -7.53 -21.24 -22.01
CA GLY B 155 -6.32 -20.53 -22.35
C GLY B 155 -6.55 -19.52 -23.46
N GLY B 156 -5.45 -19.09 -24.08
CA GLY B 156 -5.48 -18.16 -25.20
C GLY B 156 -4.84 -18.72 -26.44
N ASN B 157 -4.54 -17.86 -27.41
CA ASN B 157 -3.99 -18.30 -28.69
C ASN B 157 -2.51 -17.91 -28.78
N THR B 158 -1.94 -17.93 -29.99
CA THR B 158 -0.55 -17.54 -30.24
C THR B 158 -0.45 -16.34 -31.19
N THR B 159 -1.47 -15.49 -31.16
CA THR B 159 -1.46 -14.23 -31.89
C THR B 159 -0.91 -13.15 -30.97
N ALA B 160 0.31 -12.70 -31.26
CA ALA B 160 0.95 -11.65 -30.49
C ALA B 160 0.06 -10.41 -30.44
N GLN B 161 -0.09 -9.81 -29.26
CA GLN B 161 -0.97 -8.67 -29.07
C GLN B 161 -0.77 -8.01 -27.72
N ILE B 162 -1.22 -6.76 -27.61
CA ILE B 162 -1.11 -6.02 -26.37
C ILE B 162 -1.98 -6.71 -25.33
N ASN B 163 -1.43 -6.88 -24.13
CA ASN B 163 -2.19 -7.42 -22.99
C ASN B 163 -2.79 -6.20 -22.29
N GLU B 164 -4.12 -6.05 -22.34
CA GLU B 164 -4.82 -4.88 -21.80
C GLU B 164 -4.57 -4.71 -20.30
N TYR B 165 -4.48 -5.83 -19.60
CA TYR B 165 -4.26 -5.82 -18.15
C TYR B 165 -2.82 -5.52 -17.75
N SER B 166 -1.89 -5.60 -18.70
CA SER B 166 -0.49 -5.22 -18.44
C SER B 166 -0.24 -3.72 -18.56
N LEU B 167 -1.25 -2.95 -18.99
CA LEU B 167 -1.12 -1.49 -19.07
C LEU B 167 -0.95 -0.91 -17.66
N TRP B 168 0.12 -0.14 -17.49
CA TRP B 168 0.38 0.57 -16.24
C TRP B 168 0.73 2.03 -16.53
N ASP B 169 0.49 2.91 -15.58
CA ASP B 169 1.03 4.26 -15.66
C ASP B 169 1.71 4.62 -14.34
N ILE B 170 2.40 5.75 -14.33
CA ILE B 170 3.19 6.15 -13.17
C ILE B 170 2.38 6.37 -11.88
N LYS B 171 1.05 6.42 -11.98
CA LYS B 171 0.17 6.47 -10.81
C LYS B 171 -0.86 5.32 -10.72
N PHE B 172 -0.65 4.26 -11.48
CA PHE B 172 -1.52 3.08 -11.49
C PHE B 172 -0.63 1.91 -11.95
N ARG B 173 -0.09 1.17 -11.00
CA ARG B 173 1.06 0.32 -11.29
C ARG B 173 1.39 -0.70 -10.20
N PRO B 174 2.19 -1.70 -10.55
CA PRO B 174 2.81 -2.56 -9.53
C PRO B 174 3.53 -1.72 -8.46
N ALA B 175 3.43 -2.15 -7.21
CA ALA B 175 4.19 -1.51 -6.14
C ALA B 175 5.68 -1.80 -6.29
N ALA B 176 6.02 -2.93 -6.90
CA ALA B 176 7.41 -3.26 -7.21
C ALA B 176 8.08 -2.18 -8.06
N LEU B 177 9.35 -1.92 -7.77
CA LEU B 177 10.10 -0.84 -8.41
C LEU B 177 10.04 -0.92 -9.93
N ASP B 178 10.23 -2.13 -10.45
CA ASP B 178 10.16 -2.40 -11.87
C ASP B 178 8.79 -3.00 -12.21
N PRO B 179 7.95 -2.24 -12.93
CA PRO B 179 6.60 -2.71 -13.27
C PRO B 179 6.53 -3.59 -14.51
N ARG B 180 7.64 -3.80 -15.19
CA ARG B 180 7.64 -4.51 -16.46
C ARG B 180 7.30 -5.99 -16.28
N GLY B 181 6.55 -6.52 -17.25
CA GLY B 181 6.29 -7.94 -17.33
C GLY B 181 5.25 -8.42 -16.33
N MET B 182 4.43 -7.48 -15.84
CA MET B 182 3.38 -7.78 -14.88
C MET B 182 2.02 -7.42 -15.43
N THR B 183 0.99 -8.05 -14.86
CA THR B 183 -0.39 -7.84 -15.26
C THR B 183 -1.27 -7.72 -14.03
N LEU B 184 -2.31 -6.90 -14.15
CA LEU B 184 -3.22 -6.62 -13.06
C LEU B 184 -4.32 -7.66 -13.04
N VAL B 185 -4.43 -8.36 -11.91
CA VAL B 185 -5.33 -9.48 -11.76
C VAL B 185 -6.59 -8.98 -11.06
N ALA B 186 -7.70 -8.95 -11.80
CA ALA B 186 -9.03 -8.60 -11.26
C ALA B 186 -9.08 -7.24 -10.57
N GLY B 187 -8.16 -6.35 -10.97
CA GLY B 187 -8.07 -5.01 -10.41
C GLY B 187 -7.48 -4.98 -9.01
N ALA B 188 -7.04 -6.13 -8.51
CA ALA B 188 -6.74 -6.32 -7.09
C ALA B 188 -5.23 -6.31 -6.75
N PHE B 189 -4.42 -6.96 -7.57
CA PHE B 189 -2.97 -7.06 -7.34
C PHE B 189 -2.26 -7.40 -8.66
N TRP B 190 -0.94 -7.25 -8.71
CA TRP B 190 -0.20 -7.57 -9.93
C TRP B 190 0.53 -8.90 -9.82
N ALA B 191 0.58 -9.61 -10.94
CA ALA B 191 1.26 -10.89 -11.06
C ALA B 191 2.25 -10.85 -12.21
N ASP B 192 3.36 -11.55 -12.03
CA ASP B 192 4.33 -11.74 -13.10
C ASP B 192 3.69 -12.54 -14.20
N ILE B 193 3.75 -12.03 -15.43
CA ILE B 193 3.28 -12.75 -16.59
C ILE B 193 4.04 -14.08 -16.78
N TYR B 194 5.34 -14.08 -16.51
CA TYR B 194 6.18 -15.26 -16.70
C TYR B 194 6.74 -15.76 -15.38
N LEU B 195 6.97 -17.08 -15.33
CA LEU B 195 7.67 -17.71 -14.22
C LEU B 195 9.07 -17.14 -14.10
N LEU B 196 9.62 -17.17 -12.90
CA LEU B 196 10.91 -16.57 -12.61
C LEU B 196 12.00 -17.20 -13.45
N GLY B 197 12.85 -16.37 -14.01
CA GLY B 197 14.00 -16.83 -14.78
C GLY B 197 15.25 -16.85 -13.93
N VAL B 198 16.19 -17.71 -14.34
CA VAL B 198 17.50 -17.78 -13.70
C VAL B 198 18.17 -16.42 -13.67
N ASN B 199 18.23 -15.76 -14.83
CA ASN B 199 18.93 -14.49 -14.99
C ASN B 199 18.07 -13.25 -14.64
N HIS B 200 17.45 -13.28 -13.46
CA HIS B 200 16.46 -12.28 -13.05
C HIS B 200 17.05 -10.93 -12.68
N LEU B 201 18.34 -10.88 -12.36
CA LEU B 201 18.96 -9.61 -11.99
C LEU B 201 18.97 -8.66 -13.20
N THR B 202 19.35 -9.18 -14.36
CA THR B 202 19.41 -8.38 -15.59
C THR B 202 18.08 -8.34 -16.35
N ASP B 203 17.30 -9.42 -16.25
CA ASP B 203 16.06 -9.58 -17.01
C ASP B 203 14.82 -9.10 -16.27
N GLY B 204 14.93 -8.87 -14.96
CA GLY B 204 13.76 -8.79 -14.10
C GLY B 204 13.21 -10.19 -13.87
N THR B 205 12.22 -10.32 -13.00
CA THR B 205 11.69 -11.63 -12.67
C THR B 205 10.83 -12.23 -13.77
N SER B 206 10.29 -11.39 -14.66
CA SER B 206 9.27 -11.80 -15.62
C SER B 206 9.64 -11.43 -17.06
N LYS B 207 10.12 -12.41 -17.80
CA LYS B 207 10.61 -12.23 -19.16
C LYS B 207 10.32 -13.46 -20.04
N TYR B 208 9.96 -13.18 -21.30
CA TYR B 208 9.59 -14.20 -22.27
C TYR B 208 10.84 -14.88 -22.84
N ASN B 209 10.74 -16.18 -23.09
CA ASN B 209 11.79 -16.94 -23.77
C ASN B 209 13.13 -16.91 -23.04
N VAL B 210 13.09 -17.19 -21.73
CA VAL B 210 14.27 -17.34 -20.89
C VAL B 210 14.18 -18.66 -20.11
N THR B 211 15.34 -19.17 -19.70
CA THR B 211 15.38 -20.36 -18.88
C THR B 211 14.67 -20.14 -17.55
N ILE B 212 13.83 -21.10 -17.18
CA ILE B 212 13.03 -21.02 -15.96
C ILE B 212 13.89 -21.47 -14.77
N ALA B 213 13.85 -20.70 -13.69
CA ALA B 213 14.51 -21.09 -12.44
C ALA B 213 13.69 -22.12 -11.70
N ASP B 214 14.34 -23.17 -11.22
CA ASP B 214 13.71 -24.18 -10.40
C ASP B 214 14.75 -24.87 -9.52
N GLY B 215 14.37 -25.95 -8.85
CA GLY B 215 15.26 -26.67 -7.95
C GLY B 215 16.49 -27.28 -8.60
N SER B 216 16.42 -27.54 -9.90
CA SER B 216 17.57 -28.06 -10.66
C SER B 216 18.33 -26.98 -11.45
N ALA B 217 17.77 -25.78 -11.54
CA ALA B 217 18.41 -24.65 -12.20
C ALA B 217 18.21 -23.42 -11.33
N SER B 218 19.05 -23.27 -10.31
CA SER B 218 18.79 -22.26 -9.28
C SER B 218 18.91 -20.85 -9.86
N PRO B 219 18.15 -19.91 -9.31
CA PRO B 219 18.24 -18.51 -9.73
C PRO B 219 19.58 -17.89 -9.36
N LYS B 220 19.93 -16.81 -10.03
CA LYS B 220 21.09 -16.01 -9.63
C LYS B 220 20.89 -15.57 -8.19
N LYS B 221 21.96 -15.64 -7.41
CA LYS B 221 21.96 -15.19 -6.02
C LYS B 221 21.70 -13.69 -5.96
N SER B 222 20.73 -13.29 -5.15
CA SER B 222 20.39 -11.87 -5.02
C SER B 222 21.58 -11.06 -4.54
N THR B 223 21.85 -9.93 -5.21
CA THR B 223 22.95 -9.05 -4.85
C THR B 223 22.65 -8.17 -3.63
N LYS B 224 21.40 -8.18 -3.18
CA LYS B 224 21.03 -7.56 -1.89
C LYS B 224 21.25 -8.51 -0.71
N PHE B 225 21.51 -9.79 -0.99
CA PHE B 225 21.74 -10.79 0.06
C PHE B 225 23.01 -11.62 -0.18
N GLY B 226 24.11 -10.93 -0.48
CA GLY B 226 25.43 -11.55 -0.52
C GLY B 226 25.90 -12.05 -1.88
N GLY B 227 25.08 -11.88 -2.90
CA GLY B 227 25.42 -12.33 -4.24
C GLY B 227 26.35 -11.35 -4.94
N ASP B 228 27.21 -11.87 -5.82
CA ASP B 228 28.13 -11.03 -6.60
C ASP B 228 27.58 -10.65 -7.98
N GLY B 229 26.51 -11.32 -8.41
CA GLY B 229 25.89 -11.05 -9.70
C GLY B 229 26.08 -12.16 -10.73
N SER B 230 27.05 -13.03 -10.49
CA SER B 230 27.34 -14.17 -11.36
C SER B 230 26.90 -15.51 -10.77
N ALA B 231 27.10 -15.68 -9.47
CA ALA B 231 26.81 -16.96 -8.82
C ALA B 231 25.31 -17.17 -8.68
N ALA B 232 24.91 -18.43 -8.80
CA ALA B 232 23.56 -18.86 -8.50
C ALA B 232 23.53 -19.45 -7.09
N TYR B 233 22.33 -19.59 -6.52
CA TYR B 233 22.16 -20.26 -5.23
C TYR B 233 22.62 -21.70 -5.34
N SER B 234 23.05 -22.29 -4.23
CA SER B 234 23.48 -23.67 -4.22
C SER B 234 22.31 -24.61 -4.55
N ASP B 235 21.09 -24.19 -4.25
CA ASP B 235 19.91 -24.91 -4.72
C ASP B 235 18.68 -24.00 -4.85
N GLY B 236 17.55 -24.60 -5.23
CA GLY B 236 16.32 -23.85 -5.42
C GLY B 236 15.30 -24.04 -4.31
N ALA B 237 15.74 -23.93 -3.06
CA ALA B 237 14.85 -24.02 -1.92
C ALA B 237 13.86 -22.85 -1.91
N TRP B 238 12.71 -23.07 -1.31
CA TRP B 238 11.74 -22.00 -1.05
C TRP B 238 12.44 -20.73 -0.59
N TYR B 239 13.39 -20.89 0.34
CA TYR B 239 14.08 -19.75 0.93
C TYR B 239 14.70 -18.85 -0.14
N ASN B 240 15.33 -19.47 -1.12
CA ASN B 240 16.03 -18.73 -2.16
C ASN B 240 15.07 -18.01 -3.11
N PHE B 241 13.98 -18.68 -3.49
CA PHE B 241 12.98 -18.04 -4.33
C PHE B 241 12.30 -16.86 -3.62
N ALA B 242 11.98 -17.03 -2.34
CA ALA B 242 11.37 -15.96 -1.56
C ALA B 242 12.31 -14.76 -1.47
N GLU B 243 13.60 -15.04 -1.33
CA GLU B 243 14.60 -14.00 -1.22
C GLU B 243 14.71 -13.23 -2.53
N VAL B 244 14.68 -13.96 -3.64
CA VAL B 244 14.72 -13.33 -4.95
C VAL B 244 13.51 -12.41 -5.10
N MET B 245 12.33 -12.86 -4.68
CA MET B 245 11.15 -12.01 -4.82
C MET B 245 11.28 -10.75 -3.97
N THR B 246 11.79 -10.88 -2.74
CA THR B 246 12.01 -9.72 -1.86
C THR B 246 12.94 -8.69 -2.51
N HIS B 247 14.02 -9.19 -3.11
CA HIS B 247 14.97 -8.35 -3.85
C HIS B 247 14.27 -7.43 -4.85
N HIS B 248 13.28 -7.97 -5.56
CA HIS B 248 12.56 -7.24 -6.61
C HIS B 248 11.27 -6.57 -6.15
N GLY B 249 11.05 -6.49 -4.84
CA GLY B 249 9.86 -5.86 -4.30
C GLY B 249 8.58 -6.64 -4.53
N LYS B 250 8.71 -7.96 -4.57
CA LYS B 250 7.60 -8.86 -4.83
C LYS B 250 7.57 -9.93 -3.75
N ARG B 251 6.64 -10.86 -3.90
CA ARG B 251 6.58 -12.02 -3.03
C ARG B 251 5.98 -13.17 -3.80
N LEU B 252 6.05 -14.35 -3.22
CA LEU B 252 5.38 -15.51 -3.79
C LEU B 252 3.89 -15.36 -3.50
N PRO B 253 3.05 -15.99 -4.31
CA PRO B 253 1.60 -15.85 -4.14
C PRO B 253 1.06 -16.69 -2.98
N ASN B 254 0.06 -16.16 -2.30
CA ASN B 254 -0.76 -16.97 -1.41
C ASN B 254 -1.87 -17.64 -2.23
N TYR B 255 -2.69 -18.47 -1.59
CA TYR B 255 -3.70 -19.27 -2.28
C TYR B 255 -4.74 -18.38 -2.94
N ASN B 256 -5.17 -17.33 -2.25
CA ASN B 256 -6.16 -16.40 -2.80
C ASN B 256 -5.65 -15.71 -4.06
N GLU B 257 -4.38 -15.32 -4.05
CA GLU B 257 -3.78 -14.68 -5.21
C GLU B 257 -3.59 -15.67 -6.35
N PHE B 258 -3.21 -16.91 -6.02
CA PHE B 258 -2.92 -17.85 -7.08
C PHE B 258 -4.17 -18.23 -7.87
N GLN B 259 -5.26 -18.51 -7.17
CA GLN B 259 -6.50 -18.90 -7.85
C GLN B 259 -7.00 -17.77 -8.75
N ALA B 260 -6.80 -16.53 -8.32
CA ALA B 260 -7.19 -15.36 -9.09
C ALA B 260 -6.32 -15.20 -10.34
N LEU B 261 -5.00 -15.27 -10.18
CA LEU B 261 -4.10 -14.97 -11.29
C LEU B 261 -4.12 -16.06 -12.35
N ALA B 262 -4.45 -17.28 -11.95
CA ALA B 262 -4.43 -18.41 -12.86
C ALA B 262 -5.77 -18.66 -13.52
N PHE B 263 -6.83 -18.01 -13.05
CA PHE B 263 -8.16 -18.22 -13.63
C PHE B 263 -8.15 -17.94 -15.13
N GLY B 264 -8.72 -18.84 -15.92
CA GLY B 264 -8.74 -18.72 -17.38
C GLY B 264 -7.87 -19.76 -18.04
N THR B 265 -6.93 -20.31 -17.28
CA THR B 265 -6.15 -21.45 -17.74
C THR B 265 -7.07 -22.63 -18.06
N THR B 266 -6.57 -23.57 -18.86
CA THR B 266 -7.25 -24.83 -19.09
C THR B 266 -7.08 -25.72 -17.84
N GLU B 267 -8.17 -25.93 -17.12
CA GLU B 267 -8.16 -26.63 -15.84
C GLU B 267 -7.98 -28.13 -15.99
N ALA B 268 -7.48 -28.76 -14.93
CA ALA B 268 -7.32 -30.22 -14.86
C ALA B 268 -6.54 -30.75 -16.05
N THR B 269 -5.57 -29.95 -16.49
CA THR B 269 -4.73 -30.27 -17.63
C THR B 269 -3.31 -29.84 -17.32
N SER B 270 -2.36 -30.68 -17.74
CA SER B 270 -0.94 -30.38 -17.61
C SER B 270 -0.24 -30.41 -18.97
N SER B 271 0.94 -29.80 -19.02
CA SER B 271 1.72 -29.67 -20.26
C SER B 271 2.11 -31.03 -20.84
N GLY B 272 2.36 -32.01 -19.98
CA GLY B 272 2.80 -33.32 -20.40
C GLY B 272 4.28 -33.35 -20.71
N GLY B 273 4.71 -34.42 -21.37
CA GLY B 273 6.10 -34.58 -21.71
C GLY B 273 7.00 -34.75 -20.50
N THR B 274 8.21 -34.23 -20.60
CA THR B 274 9.25 -34.47 -19.62
C THR B 274 9.78 -33.21 -18.94
N ASP B 275 9.40 -32.03 -19.44
CA ASP B 275 9.94 -30.78 -18.90
C ASP B 275 9.23 -29.54 -19.46
N VAL B 276 9.30 -28.45 -18.70
CA VAL B 276 8.98 -27.11 -19.22
C VAL B 276 10.19 -26.21 -18.91
N PRO B 277 11.14 -26.14 -19.84
CA PRO B 277 12.40 -25.42 -19.59
C PRO B 277 12.32 -23.89 -19.75
N THR B 278 11.33 -23.37 -20.46
CA THR B 278 11.38 -22.00 -20.97
C THR B 278 10.05 -21.28 -20.89
N THR B 279 10.09 -20.00 -20.57
CA THR B 279 8.88 -19.21 -20.43
C THR B 279 8.26 -18.89 -21.79
N GLY B 280 6.94 -19.04 -21.88
CA GLY B 280 6.18 -18.67 -23.05
C GLY B 280 6.42 -19.57 -24.26
N VAL B 281 6.95 -20.75 -24.00
CA VAL B 281 7.34 -21.68 -25.05
C VAL B 281 6.88 -23.10 -24.69
N ASN B 282 6.50 -23.87 -25.71
CA ASN B 282 6.10 -25.25 -25.56
C ASN B 282 7.09 -26.05 -24.71
N GLY B 283 6.55 -26.92 -23.85
CA GLY B 283 7.37 -27.81 -23.05
C GLY B 283 8.00 -28.92 -23.89
N THR B 284 9.04 -29.54 -23.35
CA THR B 284 9.72 -30.66 -23.98
C THR B 284 8.79 -31.88 -24.02
N GLY B 285 8.45 -32.32 -25.23
CA GLY B 285 7.57 -33.47 -25.42
C GLY B 285 6.13 -33.18 -25.03
N ALA B 286 5.75 -31.91 -25.02
CA ALA B 286 4.45 -31.49 -24.50
C ALA B 286 3.27 -32.01 -25.32
N THR B 287 2.22 -32.44 -24.62
CA THR B 287 0.96 -32.82 -25.27
C THR B 287 -0.05 -31.68 -25.32
N SER B 288 0.26 -30.58 -24.62
CA SER B 288 -0.53 -29.34 -24.70
C SER B 288 0.41 -28.16 -24.96
N ALA B 289 0.03 -27.28 -25.88
CA ALA B 289 0.83 -26.11 -26.21
C ALA B 289 0.78 -25.10 -25.06
N TRP B 290 1.83 -24.28 -24.96
CA TRP B 290 2.00 -23.34 -23.86
C TRP B 290 0.78 -22.45 -23.64
N ASN B 291 0.16 -22.03 -24.74
CA ASN B 291 -0.94 -21.06 -24.70
C ASN B 291 -2.25 -21.60 -24.12
N ILE B 292 -2.36 -22.92 -24.04
CA ILE B 292 -3.43 -23.60 -23.34
C ILE B 292 -3.50 -23.18 -21.85
N PHE B 293 -2.37 -22.71 -21.31
CA PHE B 293 -2.29 -22.36 -19.89
C PHE B 293 -2.20 -20.86 -19.64
N THR B 294 -2.64 -20.04 -20.59
CA THR B 294 -2.65 -18.60 -20.40
C THR B 294 -3.91 -18.24 -19.66
N SER B 295 -3.79 -17.42 -18.62
CA SER B 295 -4.93 -17.05 -17.79
C SER B 295 -5.69 -15.87 -18.42
N LYS B 296 -6.81 -15.51 -17.78
CA LYS B 296 -7.61 -14.39 -18.23
C LYS B 296 -6.82 -13.09 -18.25
N TRP B 297 -5.87 -12.96 -17.33
CA TRP B 297 -5.10 -11.74 -17.15
C TRP B 297 -3.82 -11.73 -17.99
N GLY B 298 -3.57 -12.83 -18.70
CA GLY B 298 -2.38 -12.96 -19.53
C GLY B 298 -1.19 -13.50 -18.79
N VAL B 299 -1.43 -14.21 -17.69
CA VAL B 299 -0.37 -14.94 -16.99
C VAL B 299 -0.06 -16.17 -17.82
N VAL B 300 1.19 -16.27 -18.25
CA VAL B 300 1.63 -17.33 -19.15
C VAL B 300 2.12 -18.54 -18.35
N GLN B 301 1.67 -19.72 -18.76
CA GLN B 301 2.00 -20.98 -18.09
C GLN B 301 1.55 -20.93 -16.64
N ALA B 302 0.30 -20.47 -16.45
CA ALA B 302 -0.27 -20.17 -15.15
C ALA B 302 -0.52 -21.41 -14.28
N SER B 303 -0.81 -22.53 -14.94
CA SER B 303 -0.96 -23.82 -14.29
C SER B 303 -0.37 -24.90 -15.19
N GLY B 304 -0.18 -26.10 -14.63
CA GLY B 304 0.13 -27.28 -15.40
C GLY B 304 1.53 -27.36 -15.98
N CYS B 305 2.41 -26.43 -15.62
CA CYS B 305 3.73 -26.36 -16.22
C CYS B 305 4.80 -26.57 -15.15
N LEU B 306 4.90 -25.65 -14.19
CA LEU B 306 5.70 -25.87 -12.98
C LEU B 306 4.95 -25.38 -11.75
N TRP B 307 5.15 -26.07 -10.63
CA TRP B 307 4.64 -25.57 -9.36
C TRP B 307 5.28 -24.23 -9.11
N THR B 308 4.54 -23.32 -8.49
CA THR B 308 5.17 -22.18 -7.86
C THR B 308 5.15 -22.40 -6.36
N TRP B 309 6.27 -22.08 -5.73
CA TRP B 309 6.30 -21.91 -4.28
C TRP B 309 5.29 -20.82 -3.94
N GLY B 310 4.66 -20.95 -2.77
CA GLY B 310 3.73 -19.96 -2.27
C GLY B 310 4.20 -19.35 -0.97
N ASN B 311 3.62 -18.21 -0.59
CA ASN B 311 3.99 -17.47 0.62
C ASN B 311 3.08 -17.85 1.79
N GLU B 312 2.93 -19.15 2.01
CA GLU B 312 2.02 -19.68 3.01
C GLU B 312 2.46 -21.05 3.44
N PHE B 313 2.32 -21.33 4.73
CA PHE B 313 2.81 -22.57 5.32
C PHE B 313 1.68 -23.37 5.95
N GLY B 314 1.76 -24.69 5.82
CA GLY B 314 0.81 -25.60 6.42
C GLY B 314 0.92 -26.98 5.81
N GLY B 315 0.06 -27.90 6.20
CA GLY B 315 0.09 -29.26 5.68
C GLY B 315 1.05 -30.16 6.44
N VAL B 316 1.82 -30.94 5.71
CA VAL B 316 2.69 -31.94 6.32
C VAL B 316 3.91 -31.27 6.93
N ASN B 317 4.23 -31.65 8.18
CA ASN B 317 5.38 -31.10 8.87
C ASN B 317 6.64 -31.95 8.72
N GLY B 318 7.78 -31.28 8.75
CA GLY B 318 9.06 -31.92 8.96
C GLY B 318 9.14 -32.37 10.41
N ALA B 319 10.27 -32.95 10.78
CA ALA B 319 10.43 -33.58 12.08
C ALA B 319 10.28 -32.57 13.20
N SER B 320 9.67 -33.01 14.30
CA SER B 320 9.59 -32.25 15.53
C SER B 320 10.91 -32.46 16.28
N GLU B 321 11.95 -31.88 15.69
CA GLU B 321 13.34 -32.03 16.10
C GLU B 321 14.10 -30.99 15.28
N TYR B 322 15.00 -30.25 15.92
CA TYR B 322 15.71 -29.19 15.20
C TYR B 322 16.51 -29.80 14.07
N THR B 323 16.34 -29.24 12.88
CA THR B 323 16.93 -29.76 11.66
C THR B 323 17.62 -28.61 10.94
N ALA B 324 18.92 -28.75 10.72
CA ALA B 324 19.72 -27.74 10.04
C ALA B 324 19.62 -27.91 8.52
N ASN B 325 18.52 -27.42 7.94
CA ASN B 325 18.29 -27.56 6.51
C ASN B 325 17.97 -26.22 5.84
N THR B 326 18.48 -25.13 6.40
CA THR B 326 18.17 -23.78 5.90
C THR B 326 19.32 -23.16 5.11
N GLY B 327 20.26 -23.99 4.67
CA GLY B 327 21.44 -23.51 3.97
C GLY B 327 22.42 -22.82 4.91
N GLY B 328 22.46 -23.25 6.16
CA GLY B 328 23.41 -22.74 7.14
C GLY B 328 22.95 -21.49 7.88
N ARG B 329 21.65 -21.28 7.97
CA ARG B 329 21.10 -20.07 8.62
C ARG B 329 20.19 -20.40 9.81
N GLY B 330 20.53 -21.46 10.53
CA GLY B 330 19.75 -21.91 11.66
C GLY B 330 19.02 -23.21 11.39
N SER B 331 18.26 -23.66 12.39
CA SER B 331 17.55 -24.93 12.31
C SER B 331 16.06 -24.70 12.49
N VAL B 332 15.26 -25.68 12.06
CA VAL B 332 13.81 -25.57 12.14
C VAL B 332 13.23 -26.74 12.92
N TYR B 333 12.19 -26.46 13.70
CA TYR B 333 11.52 -27.46 14.51
C TYR B 333 10.07 -27.55 14.08
N ALA B 334 9.64 -28.75 13.70
CA ALA B 334 8.29 -29.01 13.18
C ALA B 334 7.91 -28.12 11.99
N GLN B 335 8.86 -27.91 11.09
CA GLN B 335 8.67 -27.02 9.95
C GLN B 335 7.51 -27.46 9.06
N PRO B 336 6.46 -26.64 8.94
CA PRO B 336 5.39 -26.97 7.98
C PRO B 336 5.85 -26.84 6.52
N ALA B 337 5.22 -27.60 5.64
CA ALA B 337 5.42 -27.42 4.21
C ALA B 337 5.15 -25.97 3.81
N ALA B 338 5.84 -25.53 2.76
CA ALA B 338 5.48 -24.31 2.06
C ALA B 338 4.60 -24.71 0.88
N ALA B 339 3.52 -23.98 0.66
CA ALA B 339 2.56 -24.30 -0.38
C ALA B 339 3.23 -24.38 -1.75
N LEU B 340 2.73 -25.29 -2.58
CA LEU B 340 3.01 -25.33 -4.01
C LEU B 340 1.70 -25.16 -4.73
N PHE B 341 1.67 -24.37 -5.80
CA PHE B 341 0.43 -24.11 -6.54
C PHE B 341 0.56 -24.37 -8.03
N GLY B 342 -0.52 -24.88 -8.63
CA GLY B 342 -0.65 -24.90 -10.08
C GLY B 342 -0.50 -26.24 -10.77
N GLY B 343 0.27 -27.14 -10.17
CA GLY B 343 0.67 -28.38 -10.80
C GLY B 343 1.84 -28.17 -11.74
N ASN B 344 2.50 -29.26 -12.10
CA ASN B 344 3.59 -29.23 -13.06
C ASN B 344 3.25 -30.07 -14.30
N TRP B 345 4.18 -30.13 -15.24
CA TRP B 345 3.94 -30.79 -16.53
C TRP B 345 3.52 -32.26 -16.38
N ASN B 346 3.96 -32.90 -15.28
CA ASN B 346 3.73 -34.33 -15.03
C ASN B 346 2.50 -34.61 -14.13
N SER B 347 1.68 -33.59 -13.88
CA SER B 347 0.61 -33.69 -12.86
C SER B 347 -0.74 -34.15 -13.42
N THR B 348 -0.77 -34.54 -14.69
CA THR B 348 -2.00 -34.89 -15.42
C THR B 348 -3.22 -34.03 -15.07
N SER B 349 -4.28 -34.65 -14.54
CA SER B 349 -5.54 -33.97 -14.30
C SER B 349 -5.57 -33.21 -12.96
N ASN B 350 -4.48 -33.26 -12.21
CA ASN B 350 -4.41 -32.61 -10.91
C ASN B 350 -4.08 -31.12 -11.00
N SER B 351 -3.52 -30.70 -12.13
CA SER B 351 -3.16 -29.30 -12.34
C SER B 351 -4.38 -28.40 -12.46
N GLY B 352 -4.18 -27.13 -12.17
CA GLY B 352 -5.22 -26.13 -12.31
C GLY B 352 -4.97 -24.88 -11.49
N SER B 353 -5.89 -23.93 -11.60
CA SER B 353 -5.77 -22.64 -10.90
C SER B 353 -5.91 -22.76 -9.38
N ARG B 354 -6.38 -23.91 -8.90
CA ARG B 354 -6.47 -24.19 -7.47
C ARG B 354 -5.68 -25.44 -7.06
N ALA B 355 -4.89 -26.00 -7.97
CA ALA B 355 -4.04 -27.14 -7.63
C ALA B 355 -3.07 -26.73 -6.52
N ALA B 356 -2.96 -27.54 -5.49
CA ALA B 356 -2.05 -27.25 -4.39
C ALA B 356 -1.48 -28.51 -3.77
N ASN B 357 -0.21 -28.45 -3.39
CA ASN B 357 0.47 -29.56 -2.76
C ASN B 357 1.15 -29.03 -1.50
N TRP B 358 0.85 -29.63 -0.35
CA TRP B 358 1.37 -29.15 0.93
C TRP B 358 2.25 -30.23 1.59
N ASN B 359 3.05 -30.89 0.76
CA ASN B 359 3.90 -32.01 1.18
C ASN B 359 5.40 -31.72 1.05
N SER B 360 5.77 -30.51 0.67
CA SER B 360 7.18 -30.16 0.47
C SER B 360 7.62 -29.11 1.47
N GLY B 361 8.58 -29.46 2.31
CA GLY B 361 9.20 -28.48 3.18
C GLY B 361 9.96 -27.47 2.35
N PRO B 362 10.19 -26.28 2.91
CA PRO B 362 10.89 -25.21 2.19
C PRO B 362 12.31 -25.56 1.73
N SER B 363 12.93 -26.57 2.34
CA SER B 363 14.30 -26.96 1.95
C SER B 363 14.36 -27.85 0.69
N ASN B 364 13.22 -28.32 0.22
CA ASN B 364 13.19 -29.10 -1.01
C ASN B 364 13.61 -28.31 -2.24
N SER B 365 14.18 -29.00 -3.22
CA SER B 365 14.75 -28.35 -4.40
C SER B 365 14.68 -29.25 -5.64
N PRO B 366 13.47 -29.57 -6.10
CA PRO B 366 13.28 -30.44 -7.27
C PRO B 366 13.11 -29.66 -8.56
N ALA B 367 13.23 -30.37 -9.69
CA ALA B 367 13.18 -29.77 -11.03
C ALA B 367 11.82 -29.18 -11.39
N ASN B 368 10.78 -29.63 -10.69
CA ASN B 368 9.41 -29.22 -11.04
C ASN B 368 8.82 -28.09 -10.18
N ILE B 369 9.64 -27.44 -9.35
CA ILE B 369 9.20 -26.27 -8.58
C ILE B 369 10.02 -25.03 -8.92
N GLY B 370 9.30 -24.01 -9.37
CA GLY B 370 9.85 -22.68 -9.58
C GLY B 370 9.06 -21.66 -8.79
N ALA B 371 8.89 -20.47 -9.36
CA ALA B 371 8.28 -19.35 -8.65
C ALA B 371 7.63 -18.36 -9.58
N ARG B 372 6.56 -17.74 -9.09
CA ARG B 372 5.93 -16.61 -9.75
C ARG B 372 5.79 -15.48 -8.75
N GLY B 373 6.13 -14.27 -9.16
CA GLY B 373 6.06 -13.12 -8.27
C GLY B 373 4.70 -12.45 -8.34
N VAL B 374 4.29 -11.89 -7.22
CA VAL B 374 3.17 -10.95 -7.15
C VAL B 374 3.55 -9.72 -6.33
N CYS B 375 2.77 -8.65 -6.45
CA CYS B 375 2.90 -7.50 -5.56
C CYS B 375 1.61 -6.71 -5.52
N ASP B 376 1.55 -5.74 -4.61
CA ASP B 376 0.36 -4.93 -4.41
C ASP B 376 0.13 -4.01 -5.61
N HIS B 377 -1.13 -3.62 -5.81
CA HIS B 377 -1.51 -2.60 -6.77
C HIS B 377 -1.35 -1.23 -6.10
N LEU B 378 -0.63 -0.33 -6.76
CA LEU B 378 -0.36 1.00 -6.23
C LEU B 378 -1.09 2.07 -7.04
N ILE B 379 -1.94 2.85 -6.37
CA ILE B 379 -2.50 4.08 -6.93
C ILE B 379 -1.91 5.28 -6.18
N LEU B 380 -1.46 6.28 -6.94
CA LEU B 380 -0.85 7.49 -6.40
C LEU B 380 -1.68 8.73 -6.72
N VAL C 5 -5.60 46.46 -23.41
CA VAL C 5 -4.16 46.47 -23.03
C VAL C 5 -3.54 45.10 -23.22
N GLN C 6 -2.48 45.03 -24.02
CA GLN C 6 -1.71 43.80 -24.23
C GLN C 6 -0.29 44.00 -23.72
N PHE C 7 0.32 42.92 -23.25
CA PHE C 7 1.66 43.00 -22.68
C PHE C 7 2.68 42.41 -23.63
N ARG C 8 3.95 42.69 -23.38
CA ARG C 8 5.06 42.12 -24.15
C ARG C 8 4.94 40.60 -24.10
N GLY C 9 5.14 39.95 -25.24
CA GLY C 9 5.01 38.51 -25.32
C GLY C 9 5.86 37.86 -26.40
N GLY C 10 5.80 36.54 -26.45
CA GLY C 10 6.59 35.75 -27.37
C GLY C 10 6.63 34.27 -27.01
N THR C 11 7.14 33.47 -27.94
CA THR C 11 7.24 32.02 -27.73
C THR C 11 8.21 31.70 -26.58
N THR C 12 8.22 30.44 -26.18
CA THR C 12 9.13 29.96 -25.14
C THR C 12 10.59 30.05 -25.60
N ALA C 13 10.82 29.81 -26.89
CA ALA C 13 12.16 29.87 -27.47
C ALA C 13 12.72 31.30 -27.43
N GLN C 14 11.84 32.27 -27.69
CA GLN C 14 12.19 33.70 -27.58
C GLN C 14 12.47 34.11 -26.13
N HIS C 15 11.74 33.50 -25.19
CA HIS C 15 11.92 33.77 -23.75
C HIS C 15 13.22 33.17 -23.20
N ALA C 16 13.73 32.12 -23.85
CA ALA C 16 14.85 31.34 -23.31
C ALA C 16 16.14 32.15 -23.17
N THR C 17 16.38 33.08 -24.09
CA THR C 17 17.58 33.93 -24.08
C THR C 17 17.23 35.37 -23.73
N PHE C 18 16.14 35.56 -22.99
CA PHE C 18 15.63 36.89 -22.66
C PHE C 18 15.75 37.16 -21.16
N THR C 19 16.67 38.06 -20.82
CA THR C 19 16.80 38.58 -19.46
C THR C 19 16.19 39.96 -19.45
N GLY C 20 14.95 40.07 -18.96
CA GLY C 20 14.21 41.31 -19.01
C GLY C 20 14.73 42.35 -18.03
N ALA C 21 13.82 43.16 -17.50
CA ALA C 21 14.13 44.09 -16.42
C ALA C 21 13.55 43.54 -15.13
N ALA C 22 14.02 44.07 -14.00
CA ALA C 22 13.49 43.69 -12.70
C ALA C 22 12.00 44.06 -12.62
N ARG C 23 11.19 43.10 -12.19
CA ARG C 23 9.74 43.30 -12.03
C ARG C 23 8.95 43.41 -13.34
N GLU C 24 9.58 43.08 -14.48
CA GLU C 24 8.87 43.03 -15.76
C GLU C 24 8.04 41.75 -15.85
N ILE C 25 6.83 41.88 -16.39
CA ILE C 25 5.96 40.74 -16.65
C ILE C 25 5.74 40.61 -18.15
N THR C 26 5.96 39.42 -18.69
CA THR C 26 5.63 39.12 -20.09
C THR C 26 4.67 37.94 -20.15
N VAL C 27 4.20 37.65 -21.35
CA VAL C 27 3.27 36.55 -21.59
C VAL C 27 3.93 35.56 -22.55
N ASP C 28 4.13 34.33 -22.08
CA ASP C 28 4.52 33.23 -22.94
C ASP C 28 3.28 32.82 -23.75
N THR C 29 3.33 33.04 -25.06
CA THR C 29 2.18 32.81 -25.93
C THR C 29 2.01 31.35 -26.35
N ASP C 30 3.07 30.55 -26.21
CA ASP C 30 2.96 29.09 -26.39
C ASP C 30 2.21 28.47 -25.21
N LYS C 31 2.60 28.87 -24.00
CA LYS C 31 2.08 28.29 -22.76
C LYS C 31 0.80 28.97 -22.27
N ASN C 32 0.52 30.16 -22.81
CA ASN C 32 -0.51 31.04 -22.26
C ASN C 32 -0.38 31.26 -20.76
N THR C 33 0.83 31.62 -20.33
CA THR C 33 1.08 31.98 -18.94
C THR C 33 1.95 33.24 -18.82
N VAL C 34 2.04 33.75 -17.60
CA VAL C 34 2.87 34.90 -17.27
C VAL C 34 4.28 34.43 -16.94
N VAL C 35 5.28 35.21 -17.36
CA VAL C 35 6.67 35.02 -16.95
C VAL C 35 7.15 36.27 -16.21
N VAL C 36 7.57 36.08 -14.97
CA VAL C 36 8.15 37.17 -14.17
C VAL C 36 9.65 37.22 -14.41
N HIS C 37 10.20 38.43 -14.47
CA HIS C 37 11.62 38.62 -14.73
C HIS C 37 12.29 39.35 -13.57
N ASP C 38 13.59 39.16 -13.45
CA ASP C 38 14.38 39.78 -12.38
C ASP C 38 15.59 40.57 -12.90
N GLY C 39 15.75 40.63 -14.22
CA GLY C 39 16.85 41.35 -14.83
C GLY C 39 18.20 40.64 -14.80
N ALA C 40 18.19 39.35 -14.47
CA ALA C 40 19.42 38.56 -14.30
C ALA C 40 19.31 37.14 -14.85
N THR C 41 18.21 36.46 -14.51
CA THR C 41 17.95 35.08 -14.92
C THR C 41 17.36 35.00 -16.33
N ALA C 42 18.09 34.35 -17.24
CA ALA C 42 17.59 34.12 -18.61
C ALA C 42 16.47 33.10 -18.57
N GLY C 43 15.36 33.40 -19.25
CA GLY C 43 14.18 32.55 -19.24
C GLY C 43 13.12 33.02 -18.25
N GLY C 44 13.54 33.77 -17.23
CA GLY C 44 12.63 34.30 -16.24
C GLY C 44 12.03 33.21 -15.35
N PHE C 45 10.82 33.47 -14.88
CA PHE C 45 10.17 32.61 -13.91
C PHE C 45 8.70 32.41 -14.31
N PRO C 46 8.44 31.40 -15.14
CA PRO C 46 7.06 31.09 -15.56
C PRO C 46 6.16 30.77 -14.38
N LEU C 47 4.90 31.18 -14.44
CA LEU C 47 3.93 30.89 -13.38
C LEU C 47 3.07 29.71 -13.82
N ALA C 48 2.50 29.03 -12.84
CA ALA C 48 1.76 27.80 -13.08
C ALA C 48 0.34 28.12 -13.50
N ARG C 49 -0.16 27.41 -14.51
CA ARG C 49 -1.56 27.50 -14.88
C ARG C 49 -2.41 26.67 -13.91
N HIS C 50 -3.70 26.97 -13.85
CA HIS C 50 -4.60 26.28 -12.93
C HIS C 50 -4.84 24.83 -13.32
N ASP C 51 -4.75 24.53 -14.61
CA ASP C 51 -4.95 23.16 -15.08
C ASP C 51 -4.12 22.14 -14.32
N LEU C 52 -2.91 22.51 -13.91
CA LEU C 52 -1.99 21.60 -13.26
C LEU C 52 -2.34 21.29 -11.80
N VAL C 53 -3.07 22.19 -11.15
CA VAL C 53 -3.46 21.99 -9.75
C VAL C 53 -4.97 21.85 -9.58
N LYS C 54 -5.65 21.44 -10.66
CA LYS C 54 -7.02 20.99 -10.51
C LYS C 54 -6.95 19.64 -9.79
N THR C 55 -8.04 19.25 -9.13
CA THR C 55 -8.07 18.08 -8.25
C THR C 55 -7.20 18.22 -7.00
N ALA C 56 -6.86 19.46 -6.62
CA ALA C 56 -6.07 19.69 -5.42
C ALA C 56 -6.94 19.51 -4.18
N PHE C 57 -6.45 18.72 -3.23
CA PHE C 57 -7.14 18.45 -1.98
C PHE C 57 -6.10 18.34 -0.88
N ILE C 58 -5.98 19.40 -0.09
CA ILE C 58 -4.95 19.52 0.94
C ILE C 58 -5.59 19.47 2.32
N LYS C 59 -4.97 18.73 3.24
CA LYS C 59 -5.40 18.66 4.63
C LYS C 59 -4.25 19.08 5.52
N ALA C 60 -4.56 19.68 6.66
CA ALA C 60 -3.55 20.06 7.65
C ALA C 60 -2.88 18.81 8.24
N ASP C 61 -3.69 17.79 8.49
CA ASP C 61 -3.21 16.51 9.03
C ASP C 61 -3.44 15.42 7.99
N LYS C 62 -2.39 15.07 7.24
CA LYS C 62 -2.49 14.08 6.16
C LYS C 62 -2.67 12.65 6.66
N SER C 63 -2.30 12.39 7.91
CA SER C 63 -2.42 11.05 8.50
C SER C 63 -3.73 10.83 9.29
N ALA C 64 -4.68 11.76 9.15
CA ALA C 64 -6.02 11.60 9.73
C ALA C 64 -7.09 11.98 8.70
N VAL C 65 -8.31 11.47 8.90
CA VAL C 65 -9.41 11.76 8.00
C VAL C 65 -9.80 13.24 8.08
N ALA C 66 -10.44 13.73 7.02
CA ALA C 66 -10.71 15.16 6.87
C ALA C 66 -11.91 15.63 7.70
N PHE C 67 -12.68 14.71 8.27
CA PHE C 67 -13.91 15.05 8.98
C PHE C 67 -13.95 14.56 10.43
N THR C 68 -14.77 15.22 11.23
CA THR C 68 -14.96 14.89 12.64
C THR C 68 -16.44 14.67 12.91
N ARG C 69 -16.76 13.55 13.56
CA ARG C 69 -18.10 13.32 14.08
C ARG C 69 -18.29 14.22 15.32
N THR C 70 -19.35 15.02 15.31
CA THR C 70 -19.67 15.92 16.43
C THR C 70 -20.93 15.49 17.19
N GLY C 71 -21.53 14.38 16.77
CA GLY C 71 -22.75 13.88 17.37
C GLY C 71 -23.34 12.75 16.55
N ASN C 72 -24.38 12.12 17.07
CA ASN C 72 -25.00 10.97 16.40
C ASN C 72 -25.35 11.26 14.94
N ALA C 73 -25.82 12.47 14.67
CA ALA C 73 -26.30 12.83 13.34
C ALA C 73 -25.54 14.02 12.71
N THR C 74 -24.44 14.44 13.35
CA THR C 74 -23.71 15.62 12.90
C THR C 74 -22.23 15.35 12.66
N ALA C 75 -21.63 16.17 11.82
CA ALA C 75 -20.20 16.11 11.54
C ALA C 75 -19.70 17.41 10.92
N SER C 76 -18.39 17.60 10.90
CA SER C 76 -17.77 18.80 10.36
C SER C 76 -16.55 18.45 9.52
N ILE C 77 -16.26 19.26 8.51
CA ILE C 77 -14.98 19.22 7.83
C ILE C 77 -13.96 19.98 8.71
N LYS C 78 -12.70 19.56 8.66
CA LYS C 78 -11.68 20.09 9.56
C LYS C 78 -11.06 21.39 9.05
N ALA C 79 -10.52 22.18 9.97
CA ALA C 79 -9.85 23.43 9.65
C ALA C 79 -8.60 23.15 8.83
N GLY C 80 -8.22 24.12 8.00
CA GLY C 80 -7.09 23.99 7.10
C GLY C 80 -7.31 23.05 5.93
N THR C 81 -8.57 22.75 5.59
CA THR C 81 -8.88 21.91 4.45
C THR C 81 -9.17 22.76 3.22
N ILE C 82 -8.43 22.50 2.14
CA ILE C 82 -8.55 23.25 0.89
C ILE C 82 -8.93 22.30 -0.23
N VAL C 83 -9.97 22.66 -0.99
CA VAL C 83 -10.52 21.80 -2.02
C VAL C 83 -10.78 22.58 -3.32
N GLU C 84 -10.07 22.22 -4.37
CA GLU C 84 -10.36 22.73 -5.71
C GLU C 84 -11.65 22.10 -6.20
N VAL C 85 -12.63 22.93 -6.56
CA VAL C 85 -13.90 22.45 -7.10
C VAL C 85 -14.42 23.39 -8.18
N ASN C 86 -14.46 22.91 -9.41
CA ASN C 86 -15.01 23.65 -10.54
C ASN C 86 -14.28 24.98 -10.76
N GLY C 87 -12.95 24.92 -10.77
CA GLY C 87 -12.12 26.10 -10.97
C GLY C 87 -11.92 26.99 -9.75
N LYS C 88 -12.73 26.78 -8.71
CA LYS C 88 -12.73 27.65 -7.54
C LYS C 88 -11.85 27.08 -6.43
N LEU C 89 -11.38 27.97 -5.55
CA LEU C 89 -10.62 27.57 -4.38
C LEU C 89 -11.53 27.69 -3.16
N VAL C 90 -12.03 26.56 -2.70
CA VAL C 90 -12.92 26.50 -1.55
C VAL C 90 -12.13 26.01 -0.35
N GLN C 91 -12.02 26.83 0.68
CA GLN C 91 -11.30 26.43 1.89
C GLN C 91 -12.11 26.69 3.16
N PHE C 92 -11.65 26.10 4.25
CA PHE C 92 -12.32 26.16 5.54
C PHE C 92 -11.28 26.49 6.60
N THR C 93 -11.28 27.75 7.04
CA THR C 93 -10.29 28.22 8.02
C THR C 93 -10.57 27.69 9.43
N ALA C 94 -11.85 27.42 9.72
CA ALA C 94 -12.24 26.76 10.97
C ALA C 94 -13.06 25.51 10.67
N ASP C 95 -13.31 24.71 11.70
CA ASP C 95 -14.19 23.55 11.57
C ASP C 95 -15.57 24.02 11.15
N THR C 96 -16.06 23.52 10.02
CA THR C 96 -17.32 23.94 9.45
C THR C 96 -18.29 22.75 9.38
N ALA C 97 -19.52 22.97 9.84
CA ALA C 97 -20.53 21.91 9.87
C ALA C 97 -20.92 21.44 8.47
N ILE C 98 -21.19 20.13 8.37
CA ILE C 98 -21.63 19.49 7.13
C ILE C 98 -23.15 19.44 7.13
N THR C 99 -23.77 19.89 6.04
CA THR C 99 -25.22 19.91 5.92
C THR C 99 -25.74 18.51 5.59
N MET C 100 -26.52 17.94 6.49
CA MET C 100 -26.99 16.58 6.37
C MET C 100 -28.36 16.50 5.71
N PRO C 101 -28.60 15.41 4.99
CA PRO C 101 -29.96 15.06 4.55
C PRO C 101 -30.61 14.27 5.67
N ALA C 102 -31.79 13.71 5.41
CA ALA C 102 -32.40 12.76 6.35
C ALA C 102 -31.51 11.50 6.37
N LEU C 103 -31.17 11.05 7.57
CA LEU C 103 -30.28 9.90 7.74
C LEU C 103 -31.09 8.64 8.09
N THR C 104 -30.80 7.55 7.38
CA THR C 104 -31.54 6.30 7.52
C THR C 104 -30.61 5.16 7.90
N ALA C 105 -30.99 4.42 8.94
CA ALA C 105 -30.19 3.32 9.49
C ALA C 105 -29.62 2.40 8.40
N GLY C 106 -28.32 2.11 8.52
CA GLY C 106 -27.64 1.21 7.61
C GLY C 106 -27.43 1.73 6.20
N THR C 107 -27.18 3.03 6.08
CA THR C 107 -26.98 3.67 4.78
C THR C 107 -25.64 4.38 4.72
N ASP C 108 -25.00 4.31 3.55
CA ASP C 108 -23.76 5.04 3.29
C ASP C 108 -24.06 6.38 2.65
N TYR C 109 -23.28 7.38 3.05
CA TYR C 109 -23.41 8.74 2.54
C TYR C 109 -22.08 9.27 2.00
N ALA C 110 -22.19 10.14 0.99
CA ALA C 110 -21.05 10.82 0.40
C ALA C 110 -21.00 12.25 0.93
N ILE C 111 -19.79 12.77 1.10
CA ILE C 111 -19.61 14.17 1.45
C ILE C 111 -19.09 14.90 0.21
N TYR C 112 -19.63 16.09 -0.02
CA TYR C 112 -19.28 16.92 -1.18
C TYR C 112 -18.88 18.30 -0.71
N VAL C 113 -17.84 18.85 -1.30
CA VAL C 113 -17.53 20.27 -1.16
C VAL C 113 -17.94 20.93 -2.47
N CYS C 114 -18.86 21.88 -2.37
CA CYS C 114 -19.44 22.51 -3.56
C CYS C 114 -18.74 23.83 -3.90
N ASP C 115 -18.99 24.32 -5.12
CA ASP C 115 -18.32 25.52 -5.63
C ASP C 115 -18.80 26.82 -4.98
N ASP C 116 -19.92 26.75 -4.28
CA ASP C 116 -20.44 27.89 -3.50
C ASP C 116 -19.93 27.95 -2.05
N GLY C 117 -18.88 27.18 -1.75
CA GLY C 117 -18.24 27.21 -0.43
C GLY C 117 -18.87 26.34 0.65
N THR C 118 -19.96 25.63 0.32
CA THR C 118 -20.66 24.81 1.30
C THR C 118 -20.17 23.36 1.28
N VAL C 119 -20.40 22.66 2.39
CA VAL C 119 -20.09 21.24 2.49
C VAL C 119 -21.36 20.50 2.94
N ARG C 120 -21.64 19.37 2.31
CA ARG C 120 -22.90 18.65 2.51
C ARG C 120 -22.81 17.15 2.19
N ALA C 121 -23.63 16.35 2.85
CA ALA C 121 -23.69 14.91 2.62
C ALA C 121 -24.96 14.51 1.85
N ASP C 122 -24.92 13.34 1.22
CA ASP C 122 -26.04 12.84 0.42
C ASP C 122 -25.93 11.34 0.15
N SER C 123 -27.07 10.66 0.10
CA SER C 123 -27.13 9.22 -0.20
C SER C 123 -26.73 8.91 -1.64
N ASN C 124 -26.77 9.91 -2.51
CA ASN C 124 -26.35 9.79 -3.89
C ASN C 124 -24.84 10.01 -4.00
N PHE C 125 -24.15 9.08 -4.66
CA PHE C 125 -22.68 9.11 -4.76
C PHE C 125 -22.16 9.69 -6.08
N SER C 126 -23.06 10.22 -6.90
CA SER C 126 -22.68 10.98 -8.10
C SER C 126 -22.72 12.48 -7.80
N ALA C 127 -23.81 12.93 -7.19
CA ALA C 127 -23.99 14.34 -6.86
C ALA C 127 -25.07 14.52 -5.79
N PRO C 128 -24.89 15.52 -4.93
CA PRO C 128 -25.89 15.80 -3.89
C PRO C 128 -27.08 16.54 -4.51
N THR C 129 -28.21 16.55 -3.81
CA THR C 129 -29.42 17.18 -4.35
C THR C 129 -29.22 18.68 -4.55
N GLY C 130 -29.62 19.17 -5.72
CA GLY C 130 -29.49 20.58 -6.07
C GLY C 130 -28.17 20.93 -6.72
N TYR C 131 -27.36 19.91 -7.02
CA TYR C 131 -26.05 20.10 -7.65
C TYR C 131 -25.78 19.03 -8.70
N THR C 132 -24.70 19.22 -9.45
CA THR C 132 -24.19 18.21 -10.38
C THR C 132 -22.83 17.72 -9.89
N SER C 133 -22.28 16.71 -10.57
CA SER C 133 -20.97 16.19 -10.23
C SER C 133 -19.83 17.14 -10.60
N THR C 134 -20.14 18.20 -11.35
CA THR C 134 -19.17 19.27 -11.65
C THR C 134 -19.16 20.35 -10.56
N THR C 135 -20.34 20.79 -10.14
CA THR C 135 -20.46 21.85 -9.13
C THR C 135 -20.34 21.32 -7.69
N ALA C 136 -20.22 20.01 -7.54
CA ALA C 136 -20.05 19.40 -6.22
C ALA C 136 -19.03 18.26 -6.31
N ARG C 137 -17.92 18.40 -5.60
CA ARG C 137 -16.84 17.43 -5.62
C ARG C 137 -17.00 16.42 -4.49
N LYS C 138 -17.07 15.14 -4.83
CA LYS C 138 -17.12 14.07 -3.84
C LYS C 138 -15.74 13.95 -3.21
N VAL C 139 -15.65 14.25 -1.92
CA VAL C 139 -14.38 14.23 -1.19
C VAL C 139 -14.31 13.19 -0.06
N GLY C 140 -15.42 12.50 0.22
CA GLY C 140 -15.43 11.53 1.28
C GLY C 140 -16.80 10.94 1.56
N GLY C 141 -17.00 10.50 2.79
CA GLY C 141 -18.23 9.83 3.17
C GLY C 141 -18.17 9.13 4.52
N PHE C 142 -19.27 8.51 4.87
CA PHE C 142 -19.37 7.76 6.12
C PHE C 142 -20.51 6.75 6.06
N HIS C 143 -20.56 5.92 7.09
CA HIS C 143 -21.66 4.99 7.28
C HIS C 143 -22.50 5.48 8.43
N TYR C 144 -23.81 5.45 8.23
CA TYR C 144 -24.77 5.73 9.29
C TYR C 144 -25.29 4.36 9.73
N ALA C 145 -24.74 3.86 10.82
CA ALA C 145 -25.01 2.50 11.30
C ALA C 145 -26.37 2.39 12.00
N PRO C 146 -26.91 1.16 12.08
CA PRO C 146 -28.16 0.89 12.82
C PRO C 146 -27.98 0.91 14.33
N GLY C 147 -26.75 1.01 14.80
CA GLY C 147 -26.48 1.04 16.23
C GLY C 147 -25.10 1.60 16.53
N SER C 148 -24.85 1.85 17.81
CA SER C 148 -23.59 2.44 18.23
C SER C 148 -22.44 1.45 18.13
N ASN C 149 -21.23 2.00 18.05
CA ASN C 149 -20.01 1.24 18.27
C ASN C 149 -19.95 0.84 19.73
N ALA C 150 -19.25 -0.26 20.02
CA ALA C 150 -19.10 -0.73 21.40
C ALA C 150 -18.21 0.23 22.18
N ALA C 151 -18.72 0.70 23.31
CA ALA C 151 -17.98 1.61 24.18
C ALA C 151 -16.96 0.87 25.06
N ALA C 152 -17.21 -0.42 25.29
CA ALA C 152 -16.34 -1.28 26.09
C ALA C 152 -16.26 -2.66 25.41
N GLN C 153 -16.62 -3.73 26.13
CA GLN C 153 -16.56 -5.08 25.59
C GLN C 153 -17.89 -5.83 25.78
N ALA C 154 -18.98 -5.13 25.48
CA ALA C 154 -20.32 -5.66 25.63
C ALA C 154 -21.23 -5.24 24.46
N GLY C 155 -20.66 -5.08 23.28
CA GLY C 155 -21.41 -4.68 22.11
C GLY C 155 -21.85 -3.23 22.16
N GLY C 156 -22.81 -2.89 21.30
CA GLY C 156 -23.41 -1.57 21.31
C GLY C 156 -24.93 -1.65 21.38
N ASN C 157 -25.58 -0.55 21.02
CA ASN C 157 -27.03 -0.41 21.13
C ASN C 157 -27.68 -0.42 19.74
N THR C 158 -28.97 -0.07 19.68
CA THR C 158 -29.72 -0.03 18.43
C THR C 158 -30.15 1.39 18.05
N THR C 159 -29.39 2.37 18.56
CA THR C 159 -29.57 3.77 18.22
C THR C 159 -28.72 4.12 17.00
N ALA C 160 -29.38 4.36 15.88
CA ALA C 160 -28.71 4.69 14.64
C ALA C 160 -27.86 5.96 14.80
N GLN C 161 -26.66 5.93 14.23
CA GLN C 161 -25.72 7.03 14.36
C GLN C 161 -24.53 6.88 13.41
N ILE C 162 -23.85 8.00 13.16
CA ILE C 162 -22.64 7.99 12.35
C ILE C 162 -21.57 7.19 13.08
N ASN C 163 -20.98 6.23 12.38
CA ASN C 163 -19.83 5.49 12.89
C ASN C 163 -18.61 6.34 12.59
N GLU C 164 -17.97 6.89 13.62
CA GLU C 164 -16.82 7.77 13.44
C GLU C 164 -15.67 7.13 12.67
N TYR C 165 -15.48 5.83 12.88
CA TYR C 165 -14.41 5.08 12.24
C TYR C 165 -14.70 4.76 10.78
N SER C 166 -15.94 4.91 10.36
CA SER C 166 -16.31 4.74 8.96
C SER C 166 -16.05 5.99 8.09
N LEU C 167 -15.62 7.08 8.69
CA LEU C 167 -15.30 8.29 7.95
C LEU C 167 -14.06 8.06 7.07
N TRP C 168 -14.22 8.30 5.77
CA TRP C 168 -13.12 8.23 4.82
C TRP C 168 -13.11 9.50 3.97
N ASP C 169 -11.94 9.88 3.46
CA ASP C 169 -11.87 10.87 2.40
C ASP C 169 -11.03 10.34 1.25
N ILE C 170 -11.01 11.09 0.14
CA ILE C 170 -10.33 10.64 -1.07
C ILE C 170 -8.81 10.45 -0.92
N LYS C 171 -8.25 10.89 0.21
CA LYS C 171 -6.84 10.63 0.53
C LYS C 171 -6.61 9.87 1.86
N PHE C 172 -7.68 9.31 2.43
CA PHE C 172 -7.65 8.60 3.71
C PHE C 172 -8.80 7.60 3.69
N ARG C 173 -8.54 6.37 3.26
CA ARG C 173 -9.62 5.49 2.85
C ARG C 173 -9.21 4.02 2.69
N PRO C 174 -10.21 3.13 2.60
CA PRO C 174 -9.97 1.77 2.10
C PRO C 174 -9.24 1.75 0.76
N ALA C 175 -8.31 0.80 0.60
CA ALA C 175 -7.63 0.61 -0.68
C ALA C 175 -8.60 0.02 -1.70
N ALA C 176 -9.64 -0.65 -1.23
CA ALA C 176 -10.66 -1.21 -2.12
C ALA C 176 -11.33 -0.08 -2.89
N LEU C 177 -11.59 -0.32 -4.18
CA LEU C 177 -12.17 0.69 -5.06
C LEU C 177 -13.40 1.35 -4.45
N ASP C 178 -14.26 0.54 -3.86
CA ASP C 178 -15.49 1.01 -3.22
C ASP C 178 -15.22 1.07 -1.72
N PRO C 179 -15.20 2.27 -1.15
CA PRO C 179 -14.94 2.42 0.28
C PRO C 179 -16.18 2.27 1.16
N ARG C 180 -17.36 2.10 0.57
CA ARG C 180 -18.62 2.12 1.31
C ARG C 180 -18.80 0.90 2.22
N GLY C 181 -19.39 1.15 3.39
CA GLY C 181 -19.71 0.09 4.32
C GLY C 181 -18.51 -0.50 5.04
N MET C 182 -17.41 0.25 5.10
CA MET C 182 -16.19 -0.21 5.78
C MET C 182 -15.81 0.71 6.93
N THR C 183 -15.04 0.18 7.87
CA THR C 183 -14.63 0.92 9.04
C THR C 183 -13.14 0.70 9.34
N LEU C 184 -12.48 1.74 9.83
CA LEU C 184 -11.06 1.73 10.12
C LEU C 184 -10.81 1.15 11.51
N VAL C 185 -10.12 0.01 11.55
CA VAL C 185 -9.84 -0.71 12.78
C VAL C 185 -8.50 -0.27 13.37
N ALA C 186 -8.55 0.42 14.50
CA ALA C 186 -7.37 0.85 15.23
C ALA C 186 -6.35 1.63 14.38
N GLY C 187 -6.83 2.30 13.33
CA GLY C 187 -5.98 3.07 12.45
C GLY C 187 -5.10 2.25 11.51
N ALA C 188 -5.24 0.92 11.53
CA ALA C 188 -4.31 0.00 10.86
C ALA C 188 -4.80 -0.54 9.52
N PHE C 189 -6.09 -0.84 9.44
CA PHE C 189 -6.69 -1.44 8.24
C PHE C 189 -8.21 -1.29 8.27
N TRP C 190 -8.87 -1.52 7.15
CA TRP C 190 -10.34 -1.43 7.09
C TRP C 190 -11.00 -2.80 7.08
N ALA C 191 -12.16 -2.88 7.70
CA ALA C 191 -12.98 -4.09 7.71
C ALA C 191 -14.39 -3.78 7.25
N ASP C 192 -15.02 -4.73 6.57
CA ASP C 192 -16.42 -4.62 6.21
C ASP C 192 -17.25 -4.60 7.48
N ILE C 193 -18.17 -3.65 7.55
CA ILE C 193 -19.07 -3.54 8.70
C ILE C 193 -20.02 -4.74 8.75
N TYR C 194 -20.43 -5.22 7.58
CA TYR C 194 -21.35 -6.36 7.51
C TYR C 194 -20.74 -7.56 6.84
N LEU C 195 -21.20 -8.74 7.27
CA LEU C 195 -20.87 -9.98 6.62
C LEU C 195 -21.29 -9.93 5.17
N LEU C 196 -20.58 -10.65 4.32
CA LEU C 196 -20.83 -10.66 2.90
C LEU C 196 -22.25 -11.12 2.64
N GLY C 197 -22.95 -10.41 1.77
CA GLY C 197 -24.29 -10.76 1.36
C GLY C 197 -24.27 -11.50 0.05
N VAL C 198 -25.33 -12.25 -0.21
CA VAL C 198 -25.47 -13.00 -1.46
C VAL C 198 -25.36 -12.07 -2.66
N ASN C 199 -26.06 -10.94 -2.62
CA ASN C 199 -26.18 -10.07 -3.77
C ASN C 199 -25.12 -8.95 -3.74
N HIS C 200 -23.86 -9.35 -3.63
CA HIS C 200 -22.75 -8.43 -3.40
C HIS C 200 -22.30 -7.66 -4.64
N LEU C 201 -22.74 -8.07 -5.82
CA LEU C 201 -22.37 -7.37 -7.06
C LEU C 201 -23.13 -6.04 -7.14
N THR C 202 -24.43 -6.09 -6.84
CA THR C 202 -25.24 -4.88 -6.87
C THR C 202 -25.11 -4.08 -5.57
N ASP C 203 -24.93 -4.78 -4.45
CA ASP C 203 -24.94 -4.16 -3.11
C ASP C 203 -23.55 -3.82 -2.57
N GLY C 204 -22.49 -4.33 -3.19
CA GLY C 204 -21.17 -4.32 -2.56
C GLY C 204 -21.10 -5.42 -1.51
N THR C 205 -19.92 -5.66 -0.95
CA THR C 205 -19.77 -6.78 -0.01
C THR C 205 -20.41 -6.51 1.34
N SER C 206 -20.56 -5.23 1.67
CA SER C 206 -20.95 -4.83 3.02
C SER C 206 -22.18 -3.94 3.01
N LYS C 207 -23.33 -4.55 3.30
CA LYS C 207 -24.62 -3.87 3.30
C LYS C 207 -25.53 -4.36 4.44
N TYR C 208 -26.25 -3.41 5.01
CA TYR C 208 -27.20 -3.66 6.09
C TYR C 208 -28.49 -4.30 5.56
N ASN C 209 -29.02 -5.25 6.32
CA ASN C 209 -30.34 -5.83 6.08
C ASN C 209 -30.48 -6.60 4.77
N VAL C 210 -29.46 -7.39 4.44
CA VAL C 210 -29.52 -8.28 3.28
C VAL C 210 -29.20 -9.71 3.69
N THR C 211 -29.60 -10.66 2.85
CA THR C 211 -29.34 -12.08 3.08
C THR C 211 -27.84 -12.36 3.11
N ILE C 212 -27.39 -13.03 4.16
CA ILE C 212 -25.99 -13.37 4.34
C ILE C 212 -25.59 -14.56 3.48
N ALA C 213 -24.45 -14.44 2.79
CA ALA C 213 -23.91 -15.55 2.01
C ALA C 213 -23.27 -16.60 2.93
N ASP C 214 -23.60 -17.86 2.68
CA ASP C 214 -22.97 -18.98 3.38
C ASP C 214 -23.06 -20.27 2.55
N GLY C 215 -22.76 -21.41 3.17
CA GLY C 215 -22.74 -22.69 2.46
C GLY C 215 -24.06 -23.16 1.88
N SER C 216 -25.17 -22.67 2.42
CA SER C 216 -26.51 -22.99 1.93
C SER C 216 -27.17 -21.83 1.15
N ALA C 217 -26.48 -20.69 1.10
CA ALA C 217 -26.93 -19.52 0.35
C ALA C 217 -25.71 -18.89 -0.30
N SER C 218 -25.24 -19.51 -1.37
CA SER C 218 -23.95 -19.15 -1.94
C SER C 218 -24.00 -17.75 -2.57
N PRO C 219 -22.88 -17.03 -2.53
CA PRO C 219 -22.87 -15.67 -3.07
C PRO C 219 -22.96 -15.68 -4.59
N LYS C 220 -23.31 -14.55 -5.17
CA LYS C 220 -23.30 -14.41 -6.62
C LYS C 220 -21.87 -14.68 -7.11
N LYS C 221 -21.77 -15.32 -8.27
CA LYS C 221 -20.51 -15.62 -8.93
C LYS C 221 -19.89 -14.32 -9.43
N SER C 222 -18.60 -14.13 -9.12
CA SER C 222 -17.91 -12.92 -9.53
C SER C 222 -17.89 -12.80 -11.04
N THR C 223 -18.24 -11.61 -11.54
CA THR C 223 -18.22 -11.33 -12.99
C THR C 223 -16.81 -11.18 -13.56
N LYS C 224 -15.83 -11.05 -12.66
CA LYS C 224 -14.41 -11.04 -13.04
C LYS C 224 -13.84 -12.46 -13.18
N PHE C 225 -14.56 -13.46 -12.67
CA PHE C 225 -14.16 -14.86 -12.77
C PHE C 225 -15.27 -15.76 -13.33
N GLY C 226 -15.84 -15.35 -14.47
CA GLY C 226 -16.76 -16.19 -15.23
C GLY C 226 -18.24 -16.03 -14.93
N GLY C 227 -18.57 -15.25 -13.91
CA GLY C 227 -19.96 -14.96 -13.58
C GLY C 227 -20.63 -14.05 -14.59
N ASP C 228 -21.95 -14.20 -14.74
CA ASP C 228 -22.73 -13.35 -15.66
C ASP C 228 -23.60 -12.33 -14.92
N GLY C 229 -23.52 -12.32 -13.59
CA GLY C 229 -24.30 -11.41 -12.75
C GLY C 229 -25.54 -12.02 -12.11
N SER C 230 -26.06 -13.09 -12.71
CA SER C 230 -27.21 -13.82 -12.16
C SER C 230 -26.77 -15.08 -11.41
N ALA C 231 -25.84 -15.82 -12.01
CA ALA C 231 -25.39 -17.09 -11.44
C ALA C 231 -24.77 -16.90 -10.06
N ALA C 232 -25.04 -17.86 -9.18
CA ALA C 232 -24.36 -18.00 -7.91
C ALA C 232 -23.40 -19.20 -7.97
N TYR C 233 -22.49 -19.28 -7.00
CA TYR C 233 -21.66 -20.46 -6.84
C TYR C 233 -22.57 -21.58 -6.38
N SER C 234 -22.16 -22.83 -6.61
CA SER C 234 -22.96 -23.96 -6.15
C SER C 234 -22.86 -24.14 -4.63
N ASP C 235 -21.77 -23.67 -4.03
CA ASP C 235 -21.61 -23.81 -2.59
C ASP C 235 -20.77 -22.70 -1.99
N GLY C 236 -20.55 -22.77 -0.68
CA GLY C 236 -19.84 -21.75 0.06
C GLY C 236 -18.39 -22.08 0.40
N ALA C 237 -17.69 -22.74 -0.52
CA ALA C 237 -16.27 -23.04 -0.32
C ALA C 237 -15.46 -21.78 -0.05
N TRP C 238 -14.44 -21.91 0.79
CA TRP C 238 -13.46 -20.84 0.97
C TRP C 238 -13.04 -20.22 -0.36
N TYR C 239 -12.84 -21.07 -1.36
CA TYR C 239 -12.39 -20.61 -2.69
C TYR C 239 -13.30 -19.54 -3.26
N ASN C 240 -14.60 -19.76 -3.12
CA ASN C 240 -15.61 -18.86 -3.65
C ASN C 240 -15.66 -17.54 -2.91
N PHE C 241 -15.68 -17.58 -1.58
CA PHE C 241 -15.63 -16.37 -0.79
C PHE C 241 -14.36 -15.56 -1.01
N ALA C 242 -13.22 -16.24 -1.13
CA ALA C 242 -11.93 -15.58 -1.40
C ALA C 242 -11.96 -14.88 -2.75
N GLU C 243 -12.56 -15.55 -3.74
CA GLU C 243 -12.68 -15.02 -5.09
C GLU C 243 -13.53 -13.77 -5.10
N VAL C 244 -14.63 -13.80 -4.35
CA VAL C 244 -15.50 -12.64 -4.20
C VAL C 244 -14.74 -11.46 -3.58
N MET C 245 -13.92 -11.71 -2.57
CA MET C 245 -13.19 -10.60 -1.95
C MET C 245 -12.20 -10.00 -2.94
N THR C 246 -11.49 -10.84 -3.69
CA THR C 246 -10.55 -10.36 -4.68
C THR C 246 -11.25 -9.46 -5.71
N HIS C 247 -12.42 -9.89 -6.18
CA HIS C 247 -13.27 -9.11 -7.10
C HIS C 247 -13.44 -7.66 -6.63
N HIS C 248 -13.73 -7.51 -5.34
CA HIS C 248 -13.98 -6.20 -4.73
C HIS C 248 -12.74 -5.49 -4.13
N GLY C 249 -11.55 -6.00 -4.41
CA GLY C 249 -10.32 -5.39 -3.94
C GLY C 249 -10.07 -5.60 -2.47
N LYS C 250 -10.56 -6.72 -1.95
CA LYS C 250 -10.50 -7.03 -0.54
C LYS C 250 -9.93 -8.44 -0.36
N ARG C 251 -9.87 -8.88 0.88
CA ARG C 251 -9.43 -10.23 1.20
C ARG C 251 -10.09 -10.66 2.51
N LEU C 252 -9.99 -11.94 2.83
CA LEU C 252 -10.49 -12.42 4.09
C LEU C 252 -9.47 -12.04 5.17
N PRO C 253 -9.91 -11.90 6.40
CA PRO C 253 -9.00 -11.52 7.49
C PRO C 253 -8.08 -12.65 7.91
N ASN C 254 -6.88 -12.28 8.32
CA ASN C 254 -6.02 -13.17 9.07
C ASN C 254 -6.35 -13.04 10.55
N TYR C 255 -5.68 -13.82 11.39
CA TYR C 255 -5.96 -13.87 12.83
C TYR C 255 -5.67 -12.52 13.50
N ASN C 256 -4.56 -11.88 13.13
CA ASN C 256 -4.22 -10.59 13.70
C ASN C 256 -5.31 -9.55 13.40
N GLU C 257 -5.81 -9.56 12.16
CA GLU C 257 -6.84 -8.62 11.76
C GLU C 257 -8.17 -8.95 12.43
N PHE C 258 -8.49 -10.23 12.55
CA PHE C 258 -9.79 -10.60 13.09
C PHE C 258 -9.93 -10.21 14.57
N GLN C 259 -8.93 -10.52 15.39
CA GLN C 259 -9.01 -10.15 16.80
C GLN C 259 -9.10 -8.63 16.97
N ALA C 260 -8.49 -7.87 16.06
CA ALA C 260 -8.54 -6.42 16.13
C ALA C 260 -9.93 -5.90 15.76
N LEU C 261 -10.47 -6.39 14.64
CA LEU C 261 -11.73 -5.86 14.12
C LEU C 261 -12.92 -6.25 15.00
N ALA C 262 -12.81 -7.39 15.70
CA ALA C 262 -13.91 -7.93 16.49
C ALA C 262 -13.87 -7.49 17.95
N PHE C 263 -12.78 -6.87 18.37
CA PHE C 263 -12.64 -6.39 19.74
C PHE C 263 -13.76 -5.40 20.06
N GLY C 264 -14.36 -5.59 21.23
CA GLY C 264 -15.51 -4.82 21.65
C GLY C 264 -16.78 -5.65 21.68
N THR C 265 -16.82 -6.71 20.88
CA THR C 265 -17.93 -7.66 20.90
C THR C 265 -18.09 -8.27 22.28
N THR C 266 -19.26 -8.83 22.54
CA THR C 266 -19.52 -9.56 23.77
C THR C 266 -18.87 -10.93 23.65
N GLU C 267 -17.78 -11.13 24.41
CA GLU C 267 -16.97 -12.34 24.29
C GLU C 267 -17.66 -13.56 24.89
N ALA C 268 -17.30 -14.73 24.37
CA ALA C 268 -17.77 -16.01 24.90
C ALA C 268 -19.30 -16.10 24.90
N THR C 269 -19.90 -15.55 23.84
CA THR C 269 -21.34 -15.45 23.68
C THR C 269 -21.71 -15.63 22.21
N SER C 270 -22.78 -16.38 21.94
CA SER C 270 -23.26 -16.62 20.59
C SER C 270 -24.72 -16.17 20.43
N SER C 271 -25.16 -16.03 19.20
CA SER C 271 -26.49 -15.52 18.89
C SER C 271 -27.58 -16.46 19.40
N GLY C 272 -27.31 -17.77 19.42
CA GLY C 272 -28.28 -18.78 19.80
C GLY C 272 -29.21 -19.09 18.65
N GLY C 273 -30.23 -19.90 18.91
CA GLY C 273 -31.22 -20.24 17.91
C GLY C 273 -30.71 -21.20 16.86
N THR C 274 -31.23 -21.07 15.64
CA THR C 274 -30.97 -22.01 14.56
C THR C 274 -30.34 -21.38 13.32
N ASP C 275 -30.17 -20.06 13.30
CA ASP C 275 -29.65 -19.38 12.10
C ASP C 275 -29.44 -17.88 12.32
N VAL C 276 -28.60 -17.28 11.47
CA VAL C 276 -28.53 -15.84 11.31
C VAL C 276 -28.58 -15.54 9.81
N PRO C 277 -29.78 -15.37 9.27
CA PRO C 277 -29.95 -15.17 7.82
C PRO C 277 -29.61 -13.78 7.28
N THR C 278 -29.57 -12.75 8.13
CA THR C 278 -29.60 -11.35 7.67
C THR C 278 -28.66 -10.43 8.44
N THR C 279 -27.97 -9.54 7.74
CA THR C 279 -27.00 -8.64 8.35
C THR C 279 -27.69 -7.53 9.14
N GLY C 280 -27.22 -7.29 10.36
CA GLY C 280 -27.72 -6.22 11.19
C GLY C 280 -29.09 -6.47 11.80
N VAL C 281 -29.52 -7.74 11.79
CA VAL C 281 -30.86 -8.14 12.22
C VAL C 281 -30.77 -9.37 13.13
N ASN C 282 -31.64 -9.41 14.13
CA ASN C 282 -31.70 -10.56 15.05
C ASN C 282 -31.85 -11.88 14.30
N GLY C 283 -31.14 -12.89 14.78
CA GLY C 283 -31.13 -14.20 14.16
C GLY C 283 -32.42 -14.97 14.40
N THR C 284 -32.61 -16.03 13.64
CA THR C 284 -33.76 -16.92 13.78
C THR C 284 -33.69 -17.66 15.11
N GLY C 285 -34.64 -17.36 15.99
CA GLY C 285 -34.71 -17.96 17.32
C GLY C 285 -33.60 -17.51 18.25
N ALA C 286 -33.01 -16.35 17.98
CA ALA C 286 -31.82 -15.89 18.70
C ALA C 286 -32.13 -15.54 20.15
N THR C 287 -31.17 -15.84 21.04
CA THR C 287 -31.22 -15.43 22.45
C THR C 287 -30.46 -14.14 22.76
N SER C 288 -29.63 -13.68 21.82
CA SER C 288 -28.96 -12.39 21.93
C SER C 288 -29.27 -11.57 20.69
N ALA C 289 -29.51 -10.28 20.86
CA ALA C 289 -29.81 -9.40 19.74
C ALA C 289 -28.53 -9.13 18.96
N TRP C 290 -28.67 -8.71 17.71
CA TRP C 290 -27.52 -8.48 16.82
C TRP C 290 -26.48 -7.55 17.42
N ASN C 291 -26.95 -6.53 18.13
CA ASN C 291 -26.10 -5.47 18.66
C ASN C 291 -25.18 -5.90 19.82
N ILE C 292 -25.45 -7.05 20.42
CA ILE C 292 -24.56 -7.66 21.42
C ILE C 292 -23.16 -7.93 20.83
N PHE C 293 -23.11 -8.08 19.52
CA PHE C 293 -21.90 -8.48 18.80
C PHE C 293 -21.28 -7.37 17.97
N THR C 294 -21.59 -6.11 18.30
CA THR C 294 -20.98 -4.97 17.63
C THR C 294 -19.63 -4.69 18.26
N SER C 295 -18.61 -4.51 17.41
CA SER C 295 -17.25 -4.29 17.89
C SER C 295 -17.04 -2.81 18.13
N LYS C 296 -15.93 -2.49 18.79
CA LYS C 296 -15.51 -1.12 19.05
C LYS C 296 -15.49 -0.24 17.80
N TRP C 297 -15.20 -0.84 16.64
CA TRP C 297 -15.06 -0.10 15.38
C TRP C 297 -16.36 -0.07 14.57
N GLY C 298 -17.43 -0.61 15.13
CA GLY C 298 -18.71 -0.68 14.46
C GLY C 298 -18.85 -1.86 13.53
N VAL C 299 -18.04 -2.89 13.70
CA VAL C 299 -18.20 -4.11 12.94
C VAL C 299 -19.45 -4.84 13.48
N VAL C 300 -20.41 -5.07 12.60
CA VAL C 300 -21.68 -5.67 12.98
C VAL C 300 -21.65 -7.20 12.86
N GLN C 301 -22.16 -7.87 13.89
CA GLN C 301 -22.16 -9.33 14.00
C GLN C 301 -20.73 -9.87 13.93
N ALA C 302 -19.86 -9.21 14.69
CA ALA C 302 -18.41 -9.40 14.64
C ALA C 302 -17.97 -10.79 15.10
N SER C 303 -18.70 -11.34 16.07
CA SER C 303 -18.50 -12.72 16.52
C SER C 303 -19.85 -13.35 16.84
N GLY C 304 -19.85 -14.66 17.03
CA GLY C 304 -20.99 -15.36 17.58
C GLY C 304 -22.19 -15.53 16.66
N CYS C 305 -22.02 -15.24 15.37
CA CYS C 305 -23.15 -15.29 14.43
C CYS C 305 -22.87 -16.26 13.30
N LEU C 306 -21.84 -15.96 12.52
CA LEU C 306 -21.31 -16.91 11.55
C LEU C 306 -19.79 -16.83 11.55
N TRP C 307 -19.15 -17.99 11.40
CA TRP C 307 -17.73 -18.03 11.13
C TRP C 307 -17.43 -17.20 9.88
N THR C 308 -16.32 -16.50 9.88
CA THR C 308 -15.77 -16.00 8.64
C THR C 308 -14.58 -16.86 8.27
N TRP C 309 -14.52 -17.28 7.01
CA TRP C 309 -13.31 -17.83 6.44
C TRP C 309 -12.19 -16.81 6.65
N GLY C 310 -10.98 -17.31 6.83
CA GLY C 310 -9.80 -16.49 7.04
C GLY C 310 -8.78 -16.75 5.94
N ASN C 311 -7.85 -15.80 5.78
CA ASN C 311 -6.86 -15.86 4.72
C ASN C 311 -5.56 -16.48 5.25
N GLU C 312 -5.68 -17.67 5.81
CA GLU C 312 -4.58 -18.34 6.49
C GLU C 312 -4.89 -19.82 6.61
N PHE C 313 -3.88 -20.64 6.40
CA PHE C 313 -4.02 -22.09 6.42
C PHE C 313 -3.17 -22.73 7.52
N GLY C 314 -3.67 -23.85 8.04
CA GLY C 314 -3.05 -24.56 9.15
C GLY C 314 -4.08 -25.42 9.85
N GLY C 315 -3.64 -26.19 10.84
CA GLY C 315 -4.52 -27.09 11.57
C GLY C 315 -4.65 -28.46 10.94
N VAL C 316 -5.87 -28.98 10.88
CA VAL C 316 -6.12 -30.35 10.40
C VAL C 316 -5.99 -30.43 8.89
N ASN C 317 -5.30 -31.47 8.42
CA ASN C 317 -5.07 -31.66 7.00
C ASN C 317 -6.06 -32.63 6.38
N GLY C 318 -6.29 -32.46 5.08
CA GLY C 318 -7.04 -33.42 4.29
C GLY C 318 -6.12 -34.57 3.96
N ALA C 319 -6.60 -35.47 3.10
CA ALA C 319 -5.88 -36.68 2.77
C ALA C 319 -4.55 -36.38 2.10
N SER C 320 -3.54 -37.20 2.39
CA SER C 320 -2.28 -37.20 1.65
C SER C 320 -2.41 -38.01 0.36
N GLU C 321 -3.35 -37.58 -0.46
CA GLU C 321 -3.46 -38.02 -1.84
C GLU C 321 -4.25 -36.94 -2.57
N TYR C 322 -4.07 -36.86 -3.89
CA TYR C 322 -4.72 -35.82 -4.64
C TYR C 322 -6.22 -35.99 -4.58
N THR C 323 -6.89 -34.90 -4.22
CA THR C 323 -8.31 -34.89 -3.94
C THR C 323 -8.92 -33.74 -4.76
N ALA C 324 -9.81 -34.09 -5.68
CA ALA C 324 -10.40 -33.12 -6.59
C ALA C 324 -11.63 -32.50 -5.94
N ASN C 325 -11.41 -31.44 -5.17
CA ASN C 325 -12.48 -30.78 -4.42
C ASN C 325 -12.42 -29.24 -4.53
N THR C 326 -11.89 -28.75 -5.65
CA THR C 326 -11.71 -27.32 -5.87
C THR C 326 -12.71 -26.71 -6.84
N GLY C 327 -13.83 -27.37 -7.06
CA GLY C 327 -14.79 -26.94 -8.07
C GLY C 327 -14.32 -27.12 -9.51
N GLY C 328 -13.46 -28.11 -9.74
CA GLY C 328 -12.99 -28.46 -11.07
C GLY C 328 -11.78 -27.66 -11.55
N ARG C 329 -10.96 -27.20 -10.61
CA ARG C 329 -9.77 -26.42 -10.95
C ARG C 329 -8.48 -27.06 -10.41
N GLY C 330 -8.42 -28.38 -10.45
CA GLY C 330 -7.26 -29.13 -10.00
C GLY C 330 -7.51 -29.87 -8.70
N SER C 331 -6.49 -30.56 -8.22
CA SER C 331 -6.57 -31.34 -7.00
C SER C 331 -5.58 -30.84 -5.96
N VAL C 332 -5.84 -31.21 -4.70
CA VAL C 332 -5.01 -30.81 -3.58
C VAL C 332 -4.48 -32.02 -2.85
N TYR C 333 -3.28 -31.87 -2.29
CA TYR C 333 -2.58 -32.94 -1.57
C TYR C 333 -2.21 -32.42 -0.19
N ALA C 334 -2.61 -33.17 0.84
CA ALA C 334 -2.39 -32.80 2.24
C ALA C 334 -2.88 -31.37 2.54
N GLN C 335 -4.00 -31.01 1.93
CA GLN C 335 -4.55 -29.66 2.08
C GLN C 335 -4.85 -29.30 3.53
N PRO C 336 -4.20 -28.29 4.06
CA PRO C 336 -4.56 -27.80 5.39
C PRO C 336 -5.91 -27.08 5.41
N ALA C 337 -6.51 -27.04 6.58
CA ALA C 337 -7.72 -26.27 6.80
C ALA C 337 -7.45 -24.79 6.55
N ALA C 338 -8.48 -24.09 6.08
CA ALA C 338 -8.50 -22.64 6.08
C ALA C 338 -9.12 -22.20 7.40
N ALA C 339 -8.55 -21.17 8.01
CA ALA C 339 -9.03 -20.64 9.27
C ALA C 339 -10.49 -20.21 9.21
N LEU C 340 -11.20 -20.45 10.31
CA LEU C 340 -12.52 -19.92 10.58
C LEU C 340 -12.41 -19.11 11.86
N PHE C 341 -12.99 -17.91 11.88
CA PHE C 341 -12.88 -17.00 13.03
C PHE C 341 -14.24 -16.54 13.51
N GLY C 342 -14.39 -16.40 14.83
CA GLY C 342 -15.49 -15.68 15.43
C GLY C 342 -16.55 -16.52 16.14
N GLY C 343 -16.73 -17.75 15.67
CA GLY C 343 -17.79 -18.61 16.15
C GLY C 343 -19.09 -18.30 15.42
N ASN C 344 -20.05 -19.21 15.53
CA ASN C 344 -21.38 -19.04 14.93
C ASN C 344 -22.47 -19.06 16.00
N TRP C 345 -23.73 -18.98 15.57
CA TRP C 345 -24.87 -18.84 16.48
C TRP C 345 -24.97 -20.01 17.48
N ASN C 346 -24.51 -21.19 17.04
CA ASN C 346 -24.59 -22.42 17.83
C ASN C 346 -23.36 -22.73 18.68
N SER C 347 -22.40 -21.80 18.75
CA SER C 347 -21.09 -22.06 19.37
C SER C 347 -21.05 -21.80 20.87
N THR C 348 -22.17 -21.37 21.44
CA THR C 348 -22.28 -21.06 22.86
C THR C 348 -21.08 -20.20 23.35
N SER C 349 -20.33 -20.69 24.33
CA SER C 349 -19.29 -19.89 24.97
C SER C 349 -17.93 -19.94 24.25
N ASN C 350 -17.88 -20.64 23.11
CA ASN C 350 -16.66 -20.73 22.31
C ASN C 350 -16.46 -19.54 21.36
N SER C 351 -17.52 -18.76 21.12
CA SER C 351 -17.45 -17.60 20.24
C SER C 351 -16.68 -16.46 20.88
N GLY C 352 -16.08 -15.62 20.04
CA GLY C 352 -15.35 -14.46 20.53
C GLY C 352 -14.48 -13.83 19.47
N SER C 353 -13.80 -12.75 19.87
CA SER C 353 -12.89 -12.03 18.98
C SER C 353 -11.63 -12.83 18.65
N ARG C 354 -11.35 -13.89 19.42
CA ARG C 354 -10.23 -14.79 19.14
C ARG C 354 -10.66 -16.24 18.91
N ALA C 355 -11.95 -16.45 18.70
CA ALA C 355 -12.46 -17.79 18.42
C ALA C 355 -11.94 -18.24 17.07
N ALA C 356 -11.43 -19.47 17.01
CA ALA C 356 -10.85 -19.96 15.77
C ALA C 356 -11.01 -21.47 15.66
N ASN C 357 -11.41 -21.93 14.48
CA ASN C 357 -11.57 -23.33 14.18
C ASN C 357 -10.72 -23.66 12.94
N TRP C 358 -9.84 -24.64 13.07
CA TRP C 358 -8.94 -25.04 12.00
C TRP C 358 -9.17 -26.50 11.60
N ASN C 359 -10.45 -26.87 11.53
CA ASN C 359 -10.86 -28.23 11.16
C ASN C 359 -11.57 -28.33 9.81
N SER C 360 -11.78 -27.20 9.13
CA SER C 360 -12.44 -27.20 7.82
C SER C 360 -11.47 -26.90 6.68
N GLY C 361 -11.35 -27.85 5.77
CA GLY C 361 -10.69 -27.64 4.50
C GLY C 361 -11.45 -26.59 3.71
N PRO C 362 -10.78 -25.92 2.78
CA PRO C 362 -11.40 -24.83 2.03
C PRO C 362 -12.59 -25.27 1.16
N SER C 363 -12.70 -26.57 0.85
CA SER C 363 -13.84 -27.08 0.08
C SER C 363 -15.14 -27.25 0.88
N ASN C 364 -15.08 -27.15 2.21
CA ASN C 364 -16.29 -27.29 3.02
C ASN C 364 -17.31 -26.16 2.81
N SER C 365 -18.58 -26.50 2.94
CA SER C 365 -19.68 -25.57 2.63
C SER C 365 -20.87 -25.78 3.56
N PRO C 366 -20.67 -25.58 4.87
CA PRO C 366 -21.78 -25.67 5.82
C PRO C 366 -22.56 -24.38 5.90
N ALA C 367 -23.73 -24.44 6.52
CA ALA C 367 -24.63 -23.29 6.61
C ALA C 367 -24.13 -22.20 7.56
N ASN C 368 -23.13 -22.50 8.38
CA ASN C 368 -22.68 -21.60 9.44
C ASN C 368 -21.34 -20.89 9.18
N ILE C 369 -20.87 -20.93 7.93
CA ILE C 369 -19.65 -20.22 7.53
C ILE C 369 -19.99 -19.23 6.42
N GLY C 370 -19.70 -17.96 6.67
CA GLY C 370 -19.72 -16.93 5.65
C GLY C 370 -18.36 -16.26 5.56
N ALA C 371 -18.36 -14.94 5.37
CA ALA C 371 -17.12 -14.20 5.16
C ALA C 371 -17.28 -12.73 5.49
N ARG C 372 -16.17 -12.12 5.91
CA ARG C 372 -16.07 -10.68 6.10
C ARG C 372 -14.81 -10.19 5.36
N GLY C 373 -14.94 -9.07 4.66
CA GLY C 373 -13.84 -8.51 3.91
C GLY C 373 -12.99 -7.55 4.72
N VAL C 374 -11.70 -7.50 4.40
CA VAL C 374 -10.80 -6.48 4.89
C VAL C 374 -9.92 -5.95 3.75
N CYS C 375 -9.29 -4.81 3.97
CA CYS C 375 -8.33 -4.29 3.01
C CYS C 375 -7.39 -3.29 3.68
N ASP C 376 -6.32 -2.94 2.97
CA ASP C 376 -5.32 -2.01 3.50
C ASP C 376 -5.88 -0.61 3.66
N HIS C 377 -5.29 0.13 4.59
CA HIS C 377 -5.54 1.55 4.76
C HIS C 377 -4.62 2.32 3.81
N LEU C 378 -5.22 3.23 3.05
CA LEU C 378 -4.51 3.97 2.02
C LEU C 378 -4.49 5.45 2.40
N ILE C 379 -3.28 6.02 2.50
CA ILE C 379 -3.09 7.47 2.57
C ILE C 379 -2.43 7.94 1.28
N LEU C 380 -2.98 9.01 0.69
CA LEU C 380 -2.47 9.57 -0.56
C LEU C 380 -1.89 10.97 -0.35
MG MG D . -0.24 -20.97 7.51
MG MG E . -0.21 -16.64 5.97
MG MG F . 12.86 -10.36 29.54
MG MG G . 13.93 -26.51 -15.49
MG MG H . -27.97 -18.55 5.83
#